data_4H1W
#
_entry.id   4H1W
#
_cell.length_a   85.870
_cell.length_b   139.540
_cell.length_c   141.560
_cell.angle_alpha   90.000
_cell.angle_beta   90.000
_cell.angle_gamma   90.000
#
_symmetry.space_group_name_H-M   'P 21 2 21'
#
loop_
_entity.id
_entity.type
_entity.pdbx_description
1 polymer SERCA1a
2 polymer Sarcolipin
3 non-polymer 'POTASSIUM ION'
4 non-polymer 'MAGNESIUM ION'
5 non-polymer 'PHOSPHOMETHYLPHOSPHONIC ACID ADENYLATE ESTER'
6 water water
#
loop_
_entity_poly.entity_id
_entity_poly.type
_entity_poly.pdbx_seq_one_letter_code
_entity_poly.pdbx_strand_id
1 'polypeptide(L)'
;MEAAHSKSTEECLAYFGVSETTGLTPDQVKRHLEKYGHNELPAEEGKSLWELVIEQFEDLLVRILLLAACISFVLAWFEE
GEETITAFVEPFVILLILIANAIVGVWQERNAENAIEALKEYEPEMGKVYRADRKSVQRIKARDIVPGDIVEVAVGDKVP
ADIRILSIKSTTLRVDQSILTGESVSVIKHTEPVPDPRAVNQDKKNMLFSGTNIAAGKALGIVATTGVSTEIGKIRDQMA
ATEQDKTPLQQKLDEFGEQLSKVISLICVAVWLINIGHFNDPVHGGSWIRGAIYYFKIAVALAVAAIPEGLPAVITTCLA
LGTRRMAKKNAIVRSLPSVETLGCTSVICSDKTGTLTTNQMSVCKMFIIDKVDGDFCSLNEFSITGSTYAPEGEVLKNDK
PIRSGQFDGLVELATICALCNDSSLDFNETKGVYEKVGEATETALTTLVEKMNVFNTEVRNLSKVERANACNSVIRQLMK
KEFTLEFSRDRKSMSVYCSPAKSSRAAVGNKMFVKGAPEGVIDRCNYVRVGTTRVPMTGPVKEKILSVIKEWGTGRDTLR
CLALATRDTPPKREEMVLDDSSRFMEYETDLTFVGVVGMLDPPRKEVMGSIQLCRDAGIRVIMITGDNKGTAIAICRRIG
IFGENEEVADRAYTGREFDDLPLAEQREACRRACCFARVEPSHKSKIVEYLQSYDEITAMTGDGVNDAPALKKAEIGIAM
GSGTAVAKTASEMVLADDNFSTIVAAVEEGRAIYNNMKQFIRYLISSNVGEVVCIFLTAALGLPEALIPVQLLWVNLVTD
GLPATALGFNPPDLDIMDRPPRSPKEPLISGWLFFRYMAIGGYVGAATVGAAAWWFMYAEDGPGVTYHQLTHFMQCTEDH
PHFEGLDCEIFEAPEPMTMALSVLVTIEMCNALNSLSENQSLMRMPPWVNIWLLGSICLSMSLHFLILYVDPLPMIFKLK
ALDLTQWLMVLKISLPVIGLDEILKFIARNYLEG
;
A
2 'polypeptide(L)' MERSTRELCLNFTVVLITVILIWLLVRSYQY B
#
# COMPACT_ATOMS: atom_id res chain seq x y z
N MET A 1 24.97 -27.56 -6.79
CA MET A 1 26.17 -27.61 -7.63
C MET A 1 27.32 -26.68 -7.18
N GLU A 2 28.49 -27.22 -6.92
CA GLU A 2 29.59 -26.41 -6.39
C GLU A 2 30.58 -25.85 -7.41
N ALA A 3 30.91 -24.57 -7.20
CA ALA A 3 31.80 -23.84 -8.08
C ALA A 3 31.30 -23.96 -9.50
N ALA A 4 30.01 -23.66 -9.69
CA ALA A 4 29.45 -23.59 -11.03
C ALA A 4 30.24 -22.63 -11.91
N HIS A 5 30.69 -21.52 -11.32
CA HIS A 5 31.36 -20.44 -12.03
C HIS A 5 32.66 -20.90 -12.68
N SER A 6 33.18 -22.02 -12.19
CA SER A 6 34.45 -22.55 -12.66
C SER A 6 34.20 -23.65 -13.69
N LYS A 7 33.04 -24.29 -13.58
CA LYS A 7 32.63 -25.25 -14.60
C LYS A 7 32.25 -24.43 -15.83
N SER A 8 32.47 -25.01 -16.99
CA SER A 8 32.10 -24.39 -18.24
C SER A 8 30.61 -24.55 -18.44
N THR A 9 30.12 -24.05 -19.55
CA THR A 9 28.69 -23.94 -19.69
C THR A 9 28.01 -25.27 -20.06
N GLU A 10 28.63 -26.05 -20.95
CA GLU A 10 28.16 -27.40 -21.25
C GLU A 10 28.11 -28.23 -19.98
N GLU A 11 29.12 -28.02 -19.15
CA GLU A 11 29.32 -28.79 -17.94
C GLU A 11 28.26 -28.58 -16.87
N CYS A 12 27.72 -27.38 -16.81
CA CYS A 12 26.67 -27.09 -15.85
C CYS A 12 25.36 -27.74 -16.29
N LEU A 13 25.10 -27.71 -17.58
CA LEU A 13 23.89 -28.31 -18.11
C LEU A 13 24.04 -29.80 -17.85
N ALA A 14 25.22 -30.29 -18.19
CA ALA A 14 25.47 -31.71 -18.05
C ALA A 14 25.33 -32.16 -16.60
N TYR A 15 25.77 -31.35 -15.65
CA TYR A 15 25.83 -31.79 -14.26
C TYR A 15 24.43 -32.13 -13.74
N PHE A 16 23.45 -31.37 -14.18
CA PHE A 16 22.09 -31.54 -13.70
C PHE A 16 21.23 -32.29 -14.72
N GLY A 17 21.83 -32.70 -15.83
CA GLY A 17 21.14 -33.42 -16.87
C GLY A 17 19.96 -32.68 -17.47
N VAL A 18 20.16 -31.41 -17.78
CA VAL A 18 19.06 -30.53 -18.19
C VAL A 18 19.33 -30.01 -19.59
N SER A 19 18.26 -29.84 -20.38
CA SER A 19 18.41 -29.24 -21.70
C SER A 19 18.16 -27.72 -21.71
N GLU A 20 19.03 -27.00 -22.41
CA GLU A 20 18.87 -25.56 -22.55
C GLU A 20 17.63 -25.27 -23.36
N THR A 21 17.35 -26.17 -24.30
CA THR A 21 16.26 -26.00 -25.26
C THR A 21 14.90 -26.16 -24.62
N THR A 22 14.79 -26.99 -23.59
CA THR A 22 13.47 -27.27 -23.00
C THR A 22 13.39 -26.96 -21.51
N GLY A 23 14.49 -27.19 -20.80
CA GLY A 23 14.53 -27.08 -19.35
C GLY A 23 14.19 -28.37 -18.62
N LEU A 24 14.01 -28.26 -17.31
CA LEU A 24 13.68 -29.42 -16.51
C LEU A 24 12.32 -29.97 -16.91
N THR A 25 12.19 -31.28 -16.95
CA THR A 25 10.86 -31.85 -17.07
C THR A 25 10.20 -31.77 -15.70
N PRO A 26 8.86 -31.91 -15.64
CA PRO A 26 8.12 -31.98 -14.38
C PRO A 26 8.75 -32.90 -13.33
N ASP A 27 9.26 -34.05 -13.74
CA ASP A 27 9.83 -35.02 -12.82
C ASP A 27 11.13 -34.49 -12.23
N GLN A 28 12.02 -34.04 -13.09
CA GLN A 28 13.28 -33.48 -12.66
C GLN A 28 13.04 -32.42 -11.60
N VAL A 29 12.00 -31.61 -11.78
CA VAL A 29 11.70 -30.53 -10.85
C VAL A 29 11.32 -31.06 -9.49
N LYS A 30 10.43 -32.06 -9.49
CA LYS A 30 10.03 -32.74 -8.26
C LYS A 30 11.25 -33.31 -7.54
N ARG A 31 12.05 -34.10 -8.26
CA ARG A 31 13.26 -34.68 -7.69
C ARG A 31 14.13 -33.59 -7.11
N HIS A 32 14.50 -32.59 -7.93
CA HIS A 32 15.34 -31.49 -7.45
C HIS A 32 14.70 -30.66 -6.32
N LEU A 33 13.38 -30.59 -6.28
CA LEU A 33 12.72 -29.88 -5.19
C LEU A 33 12.71 -30.73 -3.94
N GLU A 34 12.65 -32.05 -4.12
CA GLU A 34 12.72 -32.98 -3.02
C GLU A 34 14.09 -32.84 -2.38
N LYS A 35 15.11 -32.72 -3.24
CA LYS A 35 16.51 -32.81 -2.86
C LYS A 35 17.08 -31.50 -2.31
N TYR A 36 16.74 -30.39 -2.95
CA TYR A 36 17.31 -29.11 -2.60
C TYR A 36 16.35 -28.21 -1.83
N GLY A 37 15.08 -28.60 -1.79
CA GLY A 37 14.11 -27.81 -1.06
C GLY A 37 13.69 -26.56 -1.81
N HIS A 38 12.88 -25.74 -1.15
CA HIS A 38 12.42 -24.51 -1.78
C HIS A 38 13.45 -23.39 -1.81
N ASN A 39 13.32 -22.49 -2.76
CA ASN A 39 14.17 -21.30 -2.82
C ASN A 39 13.80 -20.26 -1.78
N GLU A 40 13.99 -20.58 -0.51
CA GLU A 40 13.55 -19.75 0.60
C GLU A 40 14.57 -19.85 1.71
N LEU A 41 14.42 -18.99 2.72
CA LEU A 41 15.11 -19.17 3.99
C LEU A 41 14.07 -19.70 4.99
N PRO A 42 14.51 -20.47 5.99
CA PRO A 42 13.56 -21.05 6.96
C PRO A 42 12.88 -19.97 7.78
N ALA A 43 11.58 -20.12 8.01
CA ALA A 43 10.83 -19.14 8.78
C ALA A 43 11.28 -19.22 10.23
N GLU A 44 11.96 -18.17 10.71
CA GLU A 44 12.52 -18.15 12.06
C GLU A 44 11.43 -18.30 13.14
N GLU A 45 10.54 -17.32 13.20
CA GLU A 45 9.33 -17.40 14.04
C GLU A 45 9.59 -17.67 15.52
N GLY A 46 10.48 -16.90 16.13
CA GLY A 46 10.83 -17.09 17.52
C GLY A 46 10.23 -16.07 18.48
N LYS A 47 9.07 -16.41 19.05
CA LYS A 47 8.37 -15.62 20.07
C LYS A 47 7.31 -16.51 20.68
N SER A 48 6.76 -16.12 21.83
CA SER A 48 5.63 -16.88 22.39
C SER A 48 4.70 -16.04 23.27
N LEU A 49 3.42 -16.40 23.27
CA LEU A 49 2.41 -15.71 24.09
C LEU A 49 2.71 -15.84 25.57
N TRP A 50 3.24 -17.00 25.95
CA TRP A 50 3.64 -17.26 27.33
C TRP A 50 4.73 -16.25 27.70
N GLU A 51 5.78 -16.20 26.89
CA GLU A 51 6.95 -15.38 27.16
C GLU A 51 6.61 -13.89 27.24
N LEU A 52 5.77 -13.43 26.32
CA LEU A 52 5.51 -12.00 26.17
C LEU A 52 4.74 -11.38 27.35
N VAL A 53 3.82 -12.14 27.96
CA VAL A 53 3.15 -11.63 29.15
C VAL A 53 4.11 -11.56 30.32
N ILE A 54 5.06 -12.49 30.38
CA ILE A 54 6.09 -12.46 31.41
C ILE A 54 6.97 -11.26 31.16
N GLU A 55 7.30 -11.03 29.90
CA GLU A 55 8.18 -9.91 29.54
C GLU A 55 7.50 -8.58 29.84
N GLN A 56 6.17 -8.59 29.90
CA GLN A 56 5.46 -7.36 30.23
C GLN A 56 5.57 -7.07 31.72
N PHE A 57 5.62 -8.11 32.53
CA PHE A 57 5.74 -7.99 33.99
C PHE A 57 7.17 -7.77 34.44
N GLU A 58 8.00 -7.17 33.59
CA GLU A 58 9.40 -6.96 33.94
C GLU A 58 9.71 -5.48 34.16
N ASP A 59 8.76 -4.62 33.80
CA ASP A 59 8.93 -3.19 34.05
C ASP A 59 8.70 -2.90 35.53
N LEU A 60 9.34 -1.85 36.02
CA LEU A 60 9.41 -1.61 37.46
C LEU A 60 8.07 -1.32 38.12
N LEU A 61 7.33 -0.37 37.56
CA LEU A 61 6.08 0.07 38.15
C LEU A 61 5.14 -1.08 38.50
N VAL A 62 5.03 -2.04 37.60
CA VAL A 62 4.15 -3.17 37.80
C VAL A 62 4.64 -4.08 38.94
N ARG A 63 5.96 -4.21 39.05
CA ARG A 63 6.54 -4.97 40.15
C ARG A 63 6.32 -4.27 41.49
N ILE A 64 6.54 -2.95 41.49
CA ILE A 64 6.40 -2.13 42.70
C ILE A 64 5.01 -2.27 43.32
N LEU A 65 3.98 -2.09 42.50
CA LEU A 65 2.60 -2.26 42.94
C LEU A 65 2.39 -3.65 43.57
N LEU A 66 2.97 -4.68 42.94
CA LEU A 66 2.89 -6.04 43.47
C LEU A 66 3.64 -6.16 44.80
N LEU A 67 4.74 -5.41 44.93
CA LEU A 67 5.48 -5.38 46.18
C LEU A 67 4.71 -4.65 47.28
N ALA A 68 4.16 -3.49 46.93
CA ALA A 68 3.32 -2.71 47.84
C ALA A 68 2.18 -3.57 48.38
N ALA A 69 1.54 -4.31 47.48
CA ALA A 69 0.45 -5.21 47.84
C ALA A 69 0.88 -6.33 48.79
N CYS A 70 2.04 -6.92 48.52
CA CYS A 70 2.57 -7.99 49.36
C CYS A 70 2.85 -7.49 50.76
N ILE A 71 3.62 -6.41 50.83
CA ILE A 71 3.99 -5.80 52.09
C ILE A 71 2.76 -5.42 52.93
N SER A 72 1.78 -4.79 52.31
CA SER A 72 0.58 -4.36 53.02
C SER A 72 -0.13 -5.55 53.67
N PHE A 73 -0.19 -6.67 52.96
CA PHE A 73 -0.82 -7.88 53.49
C PHE A 73 -0.07 -8.49 54.67
N VAL A 74 1.25 -8.61 54.54
CA VAL A 74 2.09 -9.19 55.59
C VAL A 74 1.99 -8.39 56.89
N LEU A 75 2.09 -7.07 56.77
CA LEU A 75 2.08 -6.20 57.93
C LEU A 75 0.77 -6.26 58.72
N ALA A 76 -0.36 -6.11 58.03
CA ALA A 76 -1.66 -6.06 58.71
C ALA A 76 -2.20 -7.45 59.07
N TRP A 77 -1.36 -8.47 58.97
CA TRP A 77 -1.71 -9.84 59.35
C TRP A 77 -2.00 -9.98 60.85
N PHE A 78 -1.50 -9.02 61.63
CA PHE A 78 -1.52 -9.11 63.10
C PHE A 78 -2.93 -9.30 63.68
N GLU A 79 -3.92 -8.65 63.09
CA GLU A 79 -5.30 -8.78 63.56
C GLU A 79 -6.32 -8.50 62.45
N THR A 86 -9.11 -9.04 53.14
CA THR A 86 -8.76 -8.61 51.79
C THR A 86 -8.40 -7.12 51.77
N ALA A 87 -7.18 -6.71 52.15
CA ALA A 87 -6.02 -7.53 52.54
C ALA A 87 -5.44 -8.47 51.49
N PHE A 88 -5.66 -9.78 51.64
CA PHE A 88 -4.95 -10.79 50.84
C PHE A 88 -5.45 -10.97 49.41
N VAL A 89 -6.73 -10.79 49.16
CA VAL A 89 -7.22 -11.00 47.80
C VAL A 89 -6.76 -9.86 46.88
N GLU A 90 -6.52 -8.69 47.46
CA GLU A 90 -6.11 -7.53 46.67
C GLU A 90 -4.85 -7.78 45.84
N PRO A 91 -3.77 -8.30 46.47
CA PRO A 91 -2.58 -8.60 45.67
C PRO A 91 -2.82 -9.66 44.60
N PHE A 92 -3.78 -10.55 44.85
CA PHE A 92 -4.07 -11.61 43.90
C PHE A 92 -4.92 -11.13 42.73
N VAL A 93 -5.88 -10.26 42.98
CA VAL A 93 -6.72 -9.73 41.91
C VAL A 93 -5.99 -8.66 41.09
N ILE A 94 -5.10 -7.92 41.74
CA ILE A 94 -4.22 -7.00 41.03
C ILE A 94 -3.44 -7.78 39.96
N LEU A 95 -2.76 -8.84 40.39
CA LEU A 95 -2.01 -9.69 39.48
C LEU A 95 -2.88 -10.16 38.33
N LEU A 96 -4.05 -10.71 38.66
CA LEU A 96 -4.95 -11.27 37.65
C LEU A 96 -5.38 -10.24 36.61
N ILE A 97 -5.79 -9.06 37.06
CA ILE A 97 -6.16 -7.99 36.13
C ILE A 97 -4.95 -7.58 35.30
N LEU A 98 -3.80 -7.45 35.94
CA LEU A 98 -2.56 -7.10 35.26
C LEU A 98 -2.14 -8.17 34.26
N ILE A 99 -2.38 -9.42 34.62
CA ILE A 99 -2.15 -10.54 33.69
C ILE A 99 -3.18 -10.51 32.57
N ALA A 100 -4.42 -10.19 32.93
CA ALA A 100 -5.50 -10.06 31.95
C ALA A 100 -5.20 -8.97 30.92
N ASN A 101 -4.86 -7.79 31.43
CA ASN A 101 -4.56 -6.66 30.59
C ASN A 101 -3.36 -6.94 29.69
N ALA A 102 -2.37 -7.63 30.26
CA ALA A 102 -1.16 -8.00 29.53
C ALA A 102 -1.46 -8.86 28.31
N ILE A 103 -2.22 -9.94 28.51
CA ILE A 103 -2.55 -10.86 27.42
C ILE A 103 -3.25 -10.12 26.30
N VAL A 104 -4.23 -9.29 26.66
CA VAL A 104 -4.95 -8.50 25.66
C VAL A 104 -3.97 -7.62 24.90
N GLY A 105 -3.08 -6.95 25.62
CA GLY A 105 -2.07 -6.11 25.00
C GLY A 105 -1.08 -6.86 24.14
N VAL A 106 -0.86 -8.14 24.42
CA VAL A 106 0.09 -8.92 23.62
C VAL A 106 -0.55 -9.33 22.30
N TRP A 107 -1.79 -9.81 22.36
CA TRP A 107 -2.55 -10.16 21.17
C TRP A 107 -2.67 -8.93 20.28
N GLN A 108 -3.01 -7.80 20.89
CA GLN A 108 -3.09 -6.54 20.18
C GLN A 108 -1.80 -6.31 19.40
N GLU A 109 -0.68 -6.23 20.10
CA GLU A 109 0.61 -6.01 19.45
C GLU A 109 0.94 -7.02 18.33
N ARG A 110 0.73 -8.31 18.58
CA ARG A 110 1.18 -9.32 17.62
C ARG A 110 0.34 -9.39 16.34
N ASN A 111 -0.97 -9.18 16.47
CA ASN A 111 -1.83 -9.16 15.29
C ASN A 111 -1.42 -8.03 14.35
N ALA A 112 -1.09 -6.90 14.96
CA ALA A 112 -0.64 -5.75 14.21
C ALA A 112 0.67 -6.07 13.48
N GLU A 113 1.60 -6.70 14.18
CA GLU A 113 2.86 -7.06 13.55
C GLU A 113 2.61 -8.01 12.37
N ASN A 114 1.84 -9.07 12.61
CA ASN A 114 1.58 -10.08 11.58
C ASN A 114 0.90 -9.51 10.35
N ALA A 115 -0.08 -8.66 10.57
CA ALA A 115 -0.76 -7.96 9.49
C ALA A 115 0.25 -7.21 8.63
N ILE A 116 1.12 -6.43 9.27
CA ILE A 116 2.07 -5.62 8.53
C ILE A 116 2.99 -6.51 7.71
N GLU A 117 3.45 -7.56 8.38
CA GLU A 117 4.31 -8.55 7.77
C GLU A 117 3.58 -9.26 6.63
N ALA A 118 2.28 -9.42 6.79
CA ALA A 118 1.47 -10.12 5.80
C ALA A 118 1.36 -9.36 4.49
N LEU A 119 1.66 -8.06 4.51
CA LEU A 119 1.61 -7.25 3.30
C LEU A 119 2.53 -7.80 2.24
N LYS A 120 3.52 -8.58 2.66
CA LYS A 120 4.49 -9.11 1.72
C LYS A 120 3.84 -10.20 0.89
N GLU A 121 2.69 -10.70 1.34
CA GLU A 121 2.03 -11.81 0.68
C GLU A 121 1.36 -11.33 -0.61
N TYR A 122 0.97 -10.06 -0.62
CA TYR A 122 0.38 -9.44 -1.79
C TYR A 122 1.38 -9.29 -2.95
N GLU A 123 2.66 -9.60 -2.71
CA GLU A 123 3.61 -9.66 -3.82
C GLU A 123 4.81 -10.55 -3.58
N PRO A 124 4.62 -11.86 -3.77
CA PRO A 124 5.65 -12.90 -3.73
C PRO A 124 6.74 -12.71 -4.78
N GLU A 125 7.99 -12.99 -4.39
CA GLU A 125 9.09 -12.99 -5.35
C GLU A 125 8.86 -14.02 -6.46
N MET A 126 8.99 -13.57 -7.71
CA MET A 126 8.72 -14.40 -8.87
C MET A 126 9.94 -14.47 -9.78
N GLY A 127 10.07 -15.55 -10.53
CA GLY A 127 11.16 -15.69 -11.49
C GLY A 127 10.61 -16.23 -12.78
N LYS A 128 11.38 -16.14 -13.86
CA LYS A 128 10.94 -16.72 -15.14
C LYS A 128 11.78 -17.93 -15.51
N VAL A 129 11.13 -19.08 -15.71
CA VAL A 129 11.86 -20.30 -16.11
C VAL A 129 11.37 -20.84 -17.44
N TYR A 130 12.14 -21.75 -18.03
CA TYR A 130 11.67 -22.59 -19.13
C TYR A 130 11.69 -24.02 -18.70
N ARG A 131 10.54 -24.66 -18.76
CA ARG A 131 10.39 -26.05 -18.42
C ARG A 131 9.66 -26.73 -19.60
N ALA A 132 9.61 -28.06 -19.59
CA ALA A 132 9.40 -28.78 -20.82
C ALA A 132 7.94 -28.90 -21.17
N ASP A 133 7.09 -28.65 -20.17
CA ASP A 133 5.66 -28.87 -20.35
C ASP A 133 4.96 -27.71 -21.06
N ARG A 134 5.72 -26.65 -21.34
CA ARG A 134 5.25 -25.51 -22.11
C ARG A 134 6.43 -24.96 -22.93
N LYS A 135 6.18 -24.57 -24.17
CA LYS A 135 7.25 -24.09 -25.05
C LYS A 135 7.67 -22.68 -24.67
N SER A 136 6.70 -21.87 -24.26
CA SER A 136 6.88 -20.47 -23.84
C SER A 136 7.61 -20.34 -22.50
N VAL A 137 8.07 -19.12 -22.21
CA VAL A 137 8.57 -18.81 -20.87
C VAL A 137 7.46 -18.86 -19.80
N GLN A 138 7.81 -19.32 -18.60
CA GLN A 138 6.83 -19.48 -17.55
C GLN A 138 7.24 -18.63 -16.38
N ARG A 139 6.26 -17.98 -15.76
CA ARG A 139 6.53 -17.06 -14.68
C ARG A 139 6.00 -17.64 -13.39
N ILE A 140 6.89 -18.31 -12.66
CA ILE A 140 6.53 -19.03 -11.45
C ILE A 140 7.00 -18.32 -10.19
N LYS A 141 6.39 -18.68 -9.07
CA LYS A 141 6.84 -18.21 -7.78
C LYS A 141 8.28 -18.65 -7.63
N ALA A 142 9.12 -17.77 -7.10
CA ALA A 142 10.56 -18.00 -7.10
C ALA A 142 10.96 -19.09 -6.11
N ARG A 143 10.15 -19.28 -5.08
CA ARG A 143 10.39 -20.36 -4.13
C ARG A 143 10.19 -21.75 -4.76
N ASP A 144 9.78 -21.79 -6.02
CA ASP A 144 9.58 -23.07 -6.68
C ASP A 144 10.63 -23.28 -7.76
N ILE A 145 11.65 -22.43 -7.72
CA ILE A 145 12.80 -22.53 -8.61
C ILE A 145 13.81 -23.48 -7.96
N VAL A 146 14.30 -24.43 -8.75
CA VAL A 146 15.20 -25.43 -8.21
C VAL A 146 16.53 -25.39 -8.97
N PRO A 147 17.57 -25.97 -8.39
CA PRO A 147 18.82 -26.05 -9.14
C PRO A 147 18.66 -26.80 -10.45
N GLY A 148 19.19 -26.23 -11.53
CA GLY A 148 19.16 -26.90 -12.81
C GLY A 148 18.08 -26.32 -13.69
N ASP A 149 17.29 -25.40 -13.13
CA ASP A 149 16.26 -24.68 -13.88
C ASP A 149 16.92 -23.77 -14.90
N ILE A 150 16.31 -23.63 -16.06
CA ILE A 150 16.74 -22.62 -17.02
C ILE A 150 15.94 -21.37 -16.75
N VAL A 151 16.56 -20.36 -16.16
CA VAL A 151 15.84 -19.12 -15.88
C VAL A 151 16.25 -18.04 -16.84
N GLU A 152 15.35 -17.07 -17.00
CA GLU A 152 15.58 -15.94 -17.89
C GLU A 152 15.50 -14.65 -17.10
N VAL A 153 16.38 -13.71 -17.42
CA VAL A 153 16.37 -12.39 -16.80
C VAL A 153 16.47 -11.30 -17.85
N ALA A 154 15.83 -10.18 -17.58
CA ALA A 154 16.00 -9.03 -18.44
C ALA A 154 15.95 -7.75 -17.62
N VAL A 155 16.28 -6.63 -18.27
CA VAL A 155 16.42 -5.34 -17.58
C VAL A 155 15.25 -4.97 -16.66
N GLY A 156 15.59 -4.76 -15.39
CA GLY A 156 14.60 -4.39 -14.40
C GLY A 156 14.30 -5.49 -13.41
N ASP A 157 14.66 -6.71 -13.77
CA ASP A 157 14.38 -7.90 -12.97
C ASP A 157 15.22 -7.97 -11.70
N LYS A 158 14.69 -8.62 -10.67
CA LYS A 158 15.46 -8.94 -9.47
C LYS A 158 15.80 -10.42 -9.52
N VAL A 159 17.07 -10.73 -9.75
CA VAL A 159 17.59 -12.11 -9.91
C VAL A 159 17.16 -13.10 -8.82
N PRO A 160 16.47 -14.21 -9.22
CA PRO A 160 15.71 -15.10 -8.33
C PRO A 160 16.51 -16.17 -7.60
N ALA A 161 17.69 -16.54 -8.10
CA ALA A 161 18.56 -17.55 -7.47
C ALA A 161 20.01 -17.25 -7.87
N ASP A 162 20.98 -17.87 -7.21
CA ASP A 162 22.34 -17.89 -7.76
C ASP A 162 22.32 -18.66 -9.08
N ILE A 163 22.83 -18.05 -10.15
CA ILE A 163 22.62 -18.57 -11.49
C ILE A 163 23.90 -18.51 -12.32
N ARG A 164 24.32 -19.63 -12.93
CA ARG A 164 25.38 -19.57 -13.94
C ARG A 164 24.77 -18.99 -15.21
N ILE A 165 25.48 -18.09 -15.88
CA ILE A 165 25.00 -17.52 -17.12
C ILE A 165 25.30 -18.43 -18.32
N LEU A 166 24.30 -18.66 -19.14
CA LEU A 166 24.44 -19.55 -20.29
C LEU A 166 24.68 -18.81 -21.61
N SER A 167 23.88 -17.77 -21.85
CA SER A 167 23.96 -17.04 -23.10
C SER A 167 23.42 -15.63 -22.97
N ILE A 168 24.16 -14.65 -23.50
CA ILE A 168 23.77 -13.24 -23.36
C ILE A 168 23.05 -12.74 -24.62
N LYS A 169 21.75 -12.49 -24.49
CA LYS A 169 20.91 -12.19 -25.65
C LYS A 169 21.12 -10.77 -26.13
N SER A 170 21.70 -9.94 -25.27
CA SER A 170 21.98 -8.55 -25.59
C SER A 170 23.31 -8.42 -26.28
N THR A 171 23.81 -7.19 -26.40
CA THR A 171 25.18 -6.98 -26.82
C THR A 171 25.97 -6.93 -25.52
N THR A 172 25.26 -6.69 -24.43
CA THR A 172 25.86 -6.52 -23.12
C THR A 172 24.83 -6.82 -22.05
N LEU A 173 25.20 -7.65 -21.11
CA LEU A 173 24.41 -7.82 -19.89
C LEU A 173 25.12 -6.99 -18.85
N ARG A 174 24.36 -6.32 -18.00
CA ARG A 174 24.90 -5.36 -17.05
C ARG A 174 24.11 -5.45 -15.76
N VAL A 175 24.79 -5.63 -14.62
CA VAL A 175 24.10 -6.05 -13.41
C VAL A 175 24.40 -5.12 -12.21
N ASP A 176 23.41 -4.92 -11.34
CA ASP A 176 23.59 -4.14 -10.12
C ASP A 176 23.71 -5.08 -8.93
N GLN A 177 24.93 -5.42 -8.53
CA GLN A 177 25.09 -6.30 -7.40
C GLN A 177 25.63 -5.56 -6.18
N SER A 178 25.17 -4.34 -5.98
CA SER A 178 25.67 -3.50 -4.89
C SER A 178 25.30 -4.04 -3.53
N ILE A 179 24.05 -4.49 -3.41
CA ILE A 179 23.50 -5.07 -2.19
C ILE A 179 24.34 -6.28 -1.76
N LEU A 180 25.05 -6.84 -2.73
CA LEU A 180 25.93 -7.98 -2.46
C LEU A 180 27.41 -7.62 -2.33
N THR A 181 28.01 -7.06 -3.39
CA THR A 181 29.47 -6.88 -3.44
C THR A 181 29.89 -5.48 -3.03
N GLY A 182 28.95 -4.55 -3.00
CA GLY A 182 29.26 -3.19 -2.60
C GLY A 182 29.68 -2.34 -3.78
N GLU A 183 29.96 -3.00 -4.91
CA GLU A 183 30.22 -2.31 -6.16
C GLU A 183 29.00 -1.41 -6.47
N SER A 184 29.14 -0.10 -6.24
CA SER A 184 27.99 0.80 -6.39
C SER A 184 27.59 1.00 -7.87
N VAL A 185 28.58 0.98 -8.74
CA VAL A 185 28.35 1.02 -10.18
C VAL A 185 27.88 -0.36 -10.67
N SER A 186 27.28 -0.41 -11.85
CA SER A 186 26.90 -1.69 -12.43
C SER A 186 28.10 -2.33 -13.10
N VAL A 187 28.11 -3.66 -13.12
CA VAL A 187 29.24 -4.42 -13.64
C VAL A 187 28.75 -5.17 -14.85
N ILE A 188 29.65 -5.58 -15.72
CA ILE A 188 29.25 -6.41 -16.86
C ILE A 188 29.53 -7.89 -16.59
N LYS A 189 28.85 -8.76 -17.33
CA LYS A 189 29.04 -10.19 -17.18
C LYS A 189 29.43 -10.84 -18.53
N HIS A 190 30.07 -12.00 -18.47
CA HIS A 190 30.31 -12.79 -19.66
C HIS A 190 29.83 -14.23 -19.40
N THR A 191 30.23 -15.17 -20.27
CA THR A 191 29.74 -16.54 -20.16
C THR A 191 30.85 -17.58 -20.20
N GLU A 192 32.09 -17.11 -20.38
CA GLU A 192 33.27 -18.00 -20.34
C GLU A 192 33.51 -18.34 -18.86
N PRO A 193 34.26 -19.43 -18.57
CA PRO A 193 34.41 -19.84 -17.18
C PRO A 193 35.49 -19.06 -16.43
N VAL A 194 35.30 -18.95 -15.11
CA VAL A 194 36.27 -18.38 -14.18
C VAL A 194 36.99 -19.52 -13.51
N PRO A 195 38.18 -19.86 -14.04
CA PRO A 195 38.96 -21.04 -13.65
C PRO A 195 39.17 -21.26 -12.15
N ASP A 196 39.38 -20.22 -11.35
CA ASP A 196 39.70 -20.40 -9.93
C ASP A 196 38.46 -20.81 -9.14
N PRO A 197 38.50 -22.00 -8.52
CA PRO A 197 37.33 -22.43 -7.75
C PRO A 197 37.11 -21.55 -6.52
N ARG A 198 38.21 -21.19 -5.87
CA ARG A 198 38.15 -20.41 -4.65
C ARG A 198 37.83 -18.92 -4.89
N ALA A 199 37.42 -18.56 -6.11
CA ALA A 199 37.25 -17.15 -6.49
C ALA A 199 36.23 -16.40 -5.63
N VAL A 200 36.40 -15.09 -5.61
CA VAL A 200 35.61 -14.19 -4.77
C VAL A 200 34.46 -13.57 -5.60
N ASN A 201 33.31 -13.33 -4.97
CA ASN A 201 32.07 -13.01 -5.70
C ASN A 201 32.27 -12.05 -6.85
N GLN A 202 32.98 -10.98 -6.55
CA GLN A 202 33.23 -9.93 -7.51
C GLN A 202 34.05 -10.40 -8.71
N ASP A 203 34.55 -11.63 -8.67
CA ASP A 203 35.38 -12.11 -9.77
C ASP A 203 34.71 -13.21 -10.57
N LYS A 204 33.56 -13.64 -10.07
CA LYS A 204 32.68 -14.55 -10.77
C LYS A 204 31.85 -13.78 -11.82
N LYS A 205 32.53 -13.24 -12.82
CA LYS A 205 31.86 -12.42 -13.81
C LYS A 205 30.92 -13.22 -14.68
N ASN A 206 30.71 -14.49 -14.33
CA ASN A 206 29.80 -15.33 -15.08
C ASN A 206 28.60 -15.79 -14.25
N MET A 207 28.43 -15.22 -13.07
CA MET A 207 27.30 -15.57 -12.19
C MET A 207 26.35 -14.39 -12.01
N LEU A 208 25.05 -14.68 -11.82
CA LEU A 208 24.11 -13.67 -11.32
C LEU A 208 23.63 -14.16 -9.96
N PHE A 209 23.93 -13.40 -8.92
CA PHE A 209 23.57 -13.82 -7.57
C PHE A 209 22.13 -13.39 -7.26
N SER A 210 21.48 -14.08 -6.33
CA SER A 210 20.11 -13.77 -5.91
C SER A 210 19.99 -12.35 -5.34
N GLY A 211 18.77 -11.83 -5.20
CA GLY A 211 18.55 -10.49 -4.63
C GLY A 211 19.15 -9.29 -5.38
N THR A 212 19.64 -9.54 -6.58
CA THR A 212 20.41 -8.58 -7.36
C THR A 212 19.62 -8.11 -8.59
N ASN A 213 19.72 -6.83 -8.95
CA ASN A 213 18.98 -6.25 -10.08
C ASN A 213 19.74 -6.34 -11.40
N ILE A 214 19.00 -6.38 -12.52
CA ILE A 214 19.64 -6.22 -13.81
C ILE A 214 19.46 -4.79 -14.30
N ALA A 215 20.55 -4.17 -14.70
CA ALA A 215 20.54 -2.76 -15.06
C ALA A 215 20.35 -2.53 -16.56
N ALA A 216 20.81 -3.50 -17.35
CA ALA A 216 20.73 -3.45 -18.80
C ALA A 216 20.90 -4.86 -19.35
N GLY A 217 20.09 -5.24 -20.32
CA GLY A 217 20.31 -6.50 -20.99
C GLY A 217 19.30 -7.61 -20.73
N LYS A 218 19.50 -8.72 -21.42
CA LYS A 218 18.65 -9.89 -21.28
C LYS A 218 19.60 -11.08 -21.35
N ALA A 219 19.33 -12.10 -20.55
CA ALA A 219 20.19 -13.27 -20.54
C ALA A 219 19.47 -14.52 -20.07
N LEU A 220 20.05 -15.66 -20.43
CA LEU A 220 19.57 -16.99 -20.06
C LEU A 220 20.65 -17.70 -19.26
N GLY A 221 20.26 -18.38 -18.18
CA GLY A 221 21.22 -19.12 -17.37
C GLY A 221 20.66 -20.38 -16.73
N ILE A 222 21.54 -21.16 -16.10
CA ILE A 222 21.11 -22.34 -15.33
C ILE A 222 21.30 -22.15 -13.82
N VAL A 223 20.27 -22.47 -13.05
CA VAL A 223 20.31 -22.27 -11.62
C VAL A 223 21.28 -23.23 -10.93
N ALA A 224 22.26 -22.69 -10.21
CA ALA A 224 23.29 -23.52 -9.58
C ALA A 224 22.97 -23.81 -8.11
N THR A 225 22.50 -22.79 -7.38
CA THR A 225 22.13 -22.98 -5.98
C THR A 225 20.99 -22.05 -5.58
N THR A 226 20.10 -22.51 -4.71
CA THR A 226 18.98 -21.71 -4.24
C THR A 226 19.01 -21.57 -2.73
N GLY A 227 17.89 -21.23 -2.10
CA GLY A 227 17.80 -21.18 -0.64
C GLY A 227 18.96 -20.58 0.17
N VAL A 228 19.21 -21.08 1.37
CA VAL A 228 20.37 -20.64 2.14
C VAL A 228 21.71 -20.85 1.43
N SER A 229 21.75 -21.74 0.44
CA SER A 229 23.02 -22.04 -0.22
C SER A 229 23.55 -20.89 -1.08
N THR A 230 22.67 -19.94 -1.39
CA THR A 230 23.03 -18.76 -2.21
C THR A 230 23.98 -17.84 -1.47
N GLU A 231 24.70 -17.02 -2.25
CA GLU A 231 25.61 -16.01 -1.72
C GLU A 231 24.95 -15.09 -0.72
N ILE A 232 23.72 -14.69 -1.02
CA ILE A 232 22.99 -13.77 -0.16
C ILE A 232 22.33 -14.54 0.99
N GLY A 233 21.95 -15.79 0.72
CA GLY A 233 21.45 -16.70 1.75
C GLY A 233 22.40 -16.85 2.93
N LYS A 234 23.67 -17.10 2.63
CA LYS A 234 24.72 -17.18 3.65
C LYS A 234 24.77 -15.91 4.48
N ILE A 235 24.56 -14.78 3.83
CA ILE A 235 24.60 -13.49 4.49
C ILE A 235 23.31 -13.19 5.27
N ARG A 236 22.16 -13.46 4.65
CA ARG A 236 20.87 -13.19 5.30
C ARG A 236 20.62 -14.11 6.51
N ASP A 237 21.17 -15.33 6.46
CA ASP A 237 21.09 -16.26 7.58
C ASP A 237 21.76 -15.70 8.85
N GLN A 238 22.89 -15.02 8.69
CA GLN A 238 23.51 -14.25 9.77
C GLN A 238 22.68 -12.98 9.99
N MET A 239 22.51 -12.57 11.25
CA MET A 239 21.54 -11.53 11.62
C MET A 239 20.12 -12.16 11.47
N ALA A 240 18.96 -11.49 11.41
CA ALA A 240 18.63 -10.06 11.20
C ALA A 240 19.24 -9.03 12.15
N ALA A 241 19.61 -7.83 11.68
CA ALA A 241 19.32 -7.18 10.35
C ALA A 241 17.88 -6.76 10.09
N THR A 242 17.29 -6.14 11.10
CA THR A 242 15.98 -5.51 10.97
C THR A 242 16.09 -4.00 11.15
N GLU A 243 15.48 -3.26 10.22
CA GLU A 243 15.50 -1.81 10.20
C GLU A 243 14.92 -1.28 11.50
N GLN A 244 13.91 -1.99 11.99
CA GLN A 244 13.33 -1.77 13.32
C GLN A 244 12.79 -0.36 13.61
N ASP A 245 11.94 0.14 12.71
CA ASP A 245 11.10 1.31 13.01
C ASP A 245 11.96 2.59 13.22
N LYS A 246 11.39 3.76 13.59
CA LYS A 246 9.98 4.05 13.70
C LYS A 246 9.60 5.21 12.79
N THR A 247 8.30 5.40 12.58
CA THR A 247 7.81 6.48 11.73
C THR A 247 8.11 7.85 12.36
N PRO A 248 8.30 8.89 11.52
CA PRO A 248 8.64 10.23 12.00
C PRO A 248 7.55 10.82 12.89
N LEU A 249 6.30 10.48 12.59
CA LEU A 249 5.18 10.94 13.39
C LEU A 249 5.21 10.22 14.72
N GLN A 250 5.72 8.98 14.70
CA GLN A 250 5.77 8.15 15.90
C GLN A 250 6.68 8.78 16.95
N GLN A 251 7.65 9.54 16.47
CA GLN A 251 8.62 10.19 17.35
C GLN A 251 8.06 11.50 17.89
N LYS A 252 7.41 12.27 17.01
CA LYS A 252 6.83 13.56 17.40
C LYS A 252 5.78 13.33 18.47
N LEU A 253 5.11 12.19 18.39
CA LEU A 253 4.07 11.84 19.34
C LEU A 253 4.67 11.09 20.52
N ASP A 254 5.82 10.46 20.29
CA ASP A 254 6.55 9.79 21.36
C ASP A 254 7.06 10.83 22.36
N GLU A 255 7.62 11.91 21.82
CA GLU A 255 8.12 13.00 22.64
C GLU A 255 7.01 13.58 23.52
N PHE A 256 5.81 13.70 22.95
CA PHE A 256 4.66 14.18 23.69
C PHE A 256 4.24 13.17 24.74
N GLY A 257 4.57 11.91 24.50
CA GLY A 257 4.31 10.86 25.47
C GLY A 257 5.21 11.03 26.66
N GLU A 258 6.49 11.28 26.38
CA GLU A 258 7.48 11.52 27.43
C GLU A 258 7.06 12.71 28.29
N GLN A 259 6.79 13.85 27.64
CA GLN A 259 6.32 15.06 28.33
C GLN A 259 5.17 14.76 29.30
N LEU A 260 4.09 14.23 28.77
CA LEU A 260 2.89 13.90 29.55
C LEU A 260 3.20 12.90 30.65
N SER A 261 3.89 11.83 30.30
CA SER A 261 4.28 10.81 31.28
C SER A 261 4.99 11.40 32.49
N LYS A 262 5.85 12.38 32.23
CA LYS A 262 6.55 13.11 33.29
C LYS A 262 5.55 13.80 34.24
N VAL A 263 4.69 14.64 33.68
CA VAL A 263 3.76 15.43 34.48
C VAL A 263 2.85 14.52 35.31
N ILE A 264 2.59 13.31 34.82
CA ILE A 264 1.75 12.37 35.55
C ILE A 264 2.54 11.78 36.72
N SER A 265 3.84 11.61 36.51
CA SER A 265 4.72 11.15 37.59
C SER A 265 4.75 12.16 38.72
N LEU A 266 4.91 13.44 38.38
CA LEU A 266 4.93 14.50 39.37
C LEU A 266 3.63 14.51 40.17
N ILE A 267 2.51 14.44 39.47
CA ILE A 267 1.20 14.45 40.13
C ILE A 267 0.97 13.19 40.96
N CYS A 268 1.63 12.11 40.57
CA CYS A 268 1.54 10.85 41.31
C CYS A 268 2.33 10.88 42.61
N VAL A 269 3.45 11.59 42.61
CA VAL A 269 4.21 11.76 43.83
C VAL A 269 3.50 12.77 44.72
N ALA A 270 2.94 13.80 44.09
CA ALA A 270 2.24 14.86 44.82
C ALA A 270 1.01 14.38 45.57
N VAL A 271 0.36 13.32 45.09
CA VAL A 271 -0.81 12.81 45.80
C VAL A 271 -0.37 12.10 47.09
N TRP A 272 0.88 11.62 47.08
CA TRP A 272 1.43 10.91 48.23
C TRP A 272 1.69 11.90 49.36
N LEU A 273 2.18 13.07 49.00
CA LEU A 273 2.54 14.08 49.99
C LEU A 273 1.33 14.80 50.58
N ILE A 274 0.21 14.82 49.87
CA ILE A 274 -1.02 15.35 50.43
C ILE A 274 -1.41 14.50 51.62
N ASN A 275 -1.07 13.22 51.53
CA ASN A 275 -1.36 12.29 52.61
C ASN A 275 -0.21 12.20 53.61
N ILE A 276 0.96 12.68 53.24
CA ILE A 276 2.14 12.57 54.11
C ILE A 276 1.93 13.14 55.53
N GLY A 277 0.91 13.98 55.71
CA GLY A 277 0.52 14.43 57.03
C GLY A 277 -0.58 13.54 57.60
N HIS A 278 -1.24 12.81 56.71
CA HIS A 278 -2.37 11.97 57.05
C HIS A 278 -1.93 10.53 57.36
N PHE A 279 -0.63 10.26 57.23
CA PHE A 279 -0.10 8.90 57.36
C PHE A 279 -0.37 8.26 58.72
N ASN A 280 -0.45 9.08 59.76
CA ASN A 280 -0.69 8.55 61.11
C ASN A 280 -2.17 8.50 61.54
N ASP A 281 -3.07 8.99 60.70
CA ASP A 281 -4.49 8.81 60.93
C ASP A 281 -4.76 7.31 60.78
N PRO A 282 -5.75 6.77 61.52
CA PRO A 282 -6.07 5.34 61.47
C PRO A 282 -6.35 4.73 60.07
N VAL A 283 -5.30 4.20 59.44
CA VAL A 283 -5.49 3.24 58.36
C VAL A 283 -4.83 1.84 58.56
N HIS A 284 -4.73 1.26 59.76
CA HIS A 284 -5.07 1.79 61.08
C HIS A 284 -4.27 1.03 62.15
N GLY A 285 -4.03 1.62 63.32
CA GLY A 285 -4.44 2.98 63.64
C GLY A 285 -3.33 3.97 63.38
N GLY A 286 -2.86 3.99 62.13
CA GLY A 286 -1.93 5.00 61.71
C GLY A 286 -0.47 4.72 62.01
N SER A 287 -0.11 3.45 62.20
CA SER A 287 1.29 3.09 62.25
C SER A 287 1.91 3.55 60.93
N TRP A 288 3.07 4.19 61.01
CA TRP A 288 3.58 4.95 59.88
C TRP A 288 3.84 4.10 58.63
N ILE A 289 4.31 2.88 58.82
CA ILE A 289 4.62 2.01 57.69
C ILE A 289 3.35 1.54 56.98
N ARG A 290 2.29 1.26 57.74
CA ARG A 290 1.02 0.85 57.11
C ARG A 290 0.33 2.03 56.45
N GLY A 291 0.40 3.18 57.11
CA GLY A 291 -0.15 4.39 56.54
C GLY A 291 0.57 4.77 55.25
N ALA A 292 1.87 4.47 55.20
CA ALA A 292 2.68 4.87 54.06
C ALA A 292 2.34 4.04 52.84
N ILE A 293 2.33 2.73 53.01
CA ILE A 293 2.20 1.80 51.91
C ILE A 293 0.80 1.81 51.31
N TYR A 294 -0.20 2.11 52.13
CA TYR A 294 -1.56 2.26 51.61
C TYR A 294 -1.63 3.36 50.58
N TYR A 295 -1.32 4.58 50.99
CA TYR A 295 -1.32 5.73 50.10
C TYR A 295 -0.24 5.66 49.03
N PHE A 296 0.46 4.52 48.96
CA PHE A 296 1.53 4.34 48.00
C PHE A 296 1.11 3.33 46.97
N LYS A 297 0.14 2.48 47.33
CA LYS A 297 -0.49 1.62 46.35
C LYS A 297 -1.30 2.52 45.41
N ILE A 298 -2.06 3.44 46.00
CA ILE A 298 -2.83 4.42 45.26
C ILE A 298 -1.95 5.17 44.29
N ALA A 299 -0.87 5.74 44.82
CA ALA A 299 0.02 6.59 44.03
C ALA A 299 0.59 5.85 42.82
N VAL A 300 0.98 4.59 43.01
CA VAL A 300 1.58 3.83 41.92
C VAL A 300 0.52 3.11 41.08
N ALA A 301 -0.67 2.90 41.66
CA ALA A 301 -1.79 2.34 40.89
C ALA A 301 -2.17 3.31 39.77
N LEU A 302 -2.47 4.55 40.16
CA LEU A 302 -2.75 5.61 39.21
C LEU A 302 -1.62 5.73 38.21
N ALA A 303 -0.40 5.46 38.66
CA ALA A 303 0.76 5.55 37.81
C ALA A 303 0.71 4.51 36.71
N VAL A 304 0.60 3.24 37.10
CA VAL A 304 0.57 2.14 36.14
C VAL A 304 -0.62 2.26 35.20
N ALA A 305 -1.76 2.67 35.74
CA ALA A 305 -3.00 2.71 34.97
C ALA A 305 -3.13 3.93 34.06
N ALA A 306 -2.41 5.00 34.36
CA ALA A 306 -2.61 6.25 33.62
C ALA A 306 -1.42 6.77 32.81
N ILE A 307 -0.22 6.28 33.11
CA ILE A 307 0.94 6.60 32.27
C ILE A 307 0.72 6.00 30.88
N PRO A 308 0.60 6.88 29.87
CA PRO A 308 0.24 6.46 28.51
C PRO A 308 1.45 6.13 27.60
N GLU A 309 1.79 4.87 27.31
CA GLU A 309 1.14 3.61 27.64
C GLU A 309 1.80 2.71 26.64
N GLY A 310 2.08 3.34 25.51
CA GLY A 310 2.19 2.69 24.23
C GLY A 310 1.24 3.51 23.36
N LEU A 311 1.64 4.76 23.12
CA LEU A 311 1.05 5.58 22.08
C LEU A 311 1.65 5.23 20.71
N PRO A 312 2.95 4.86 20.65
CA PRO A 312 3.39 4.35 19.36
C PRO A 312 2.67 3.06 18.96
N ALA A 313 2.20 2.32 19.95
CA ALA A 313 1.36 1.15 19.72
C ALA A 313 0.14 1.53 18.89
N VAL A 314 -0.40 2.72 19.16
CA VAL A 314 -1.56 3.25 18.44
C VAL A 314 -1.27 3.62 16.98
N ILE A 315 -0.10 4.20 16.75
CA ILE A 315 0.32 4.49 15.38
C ILE A 315 0.58 3.20 14.59
N THR A 316 1.10 2.18 15.27
CA THR A 316 1.42 0.92 14.62
C THR A 316 0.23 -0.03 14.60
N THR A 317 -0.96 0.52 14.83
CA THR A 317 -2.19 -0.26 14.81
C THR A 317 -3.08 0.30 13.72
N CYS A 318 -3.15 1.61 13.65
CA CYS A 318 -3.91 2.28 12.60
C CYS A 318 -3.27 2.01 11.25
N LEU A 319 -1.93 1.99 11.23
CA LEU A 319 -1.17 1.51 10.09
C LEU A 319 -1.64 0.11 9.67
N ALA A 320 -1.53 -0.84 10.59
CA ALA A 320 -1.88 -2.25 10.36
C ALA A 320 -3.30 -2.43 9.82
N LEU A 321 -4.22 -1.63 10.34
CA LEU A 321 -5.59 -1.61 9.84
C LEU A 321 -5.63 -1.00 8.45
N GLY A 322 -5.20 0.24 8.34
CA GLY A 322 -5.23 0.96 7.08
C GLY A 322 -4.45 0.37 5.91
N THR A 323 -3.23 -0.08 6.16
CA THR A 323 -2.45 -0.71 5.09
C THR A 323 -3.10 -2.01 4.61
N ARG A 324 -3.83 -2.68 5.49
CA ARG A 324 -4.56 -3.88 5.10
C ARG A 324 -5.61 -3.48 4.09
N ARG A 325 -6.39 -2.46 4.46
CA ARG A 325 -7.43 -1.90 3.60
C ARG A 325 -6.89 -1.50 2.24
N MET A 326 -5.76 -0.79 2.21
CA MET A 326 -5.21 -0.30 0.95
C MET A 326 -4.81 -1.46 0.06
N ALA A 327 -4.35 -2.56 0.63
CA ALA A 327 -3.92 -3.69 -0.18
C ALA A 327 -5.13 -4.39 -0.81
N LYS A 328 -6.19 -4.50 -0.02
CA LYS A 328 -7.47 -5.02 -0.52
C LYS A 328 -8.06 -4.10 -1.59
N LYS A 329 -7.62 -2.85 -1.63
CA LYS A 329 -7.97 -1.94 -2.72
C LYS A 329 -6.79 -1.72 -3.68
N ASN A 330 -6.00 -2.76 -3.92
CA ASN A 330 -4.88 -2.69 -4.88
C ASN A 330 -3.75 -1.68 -4.65
N ALA A 331 -3.64 -1.16 -3.42
CA ALA A 331 -2.53 -0.28 -3.06
C ALA A 331 -1.60 -0.97 -2.07
N ILE A 332 -0.55 -1.58 -2.62
CA ILE A 332 0.37 -2.34 -1.80
C ILE A 332 1.48 -1.47 -1.22
N VAL A 333 1.40 -1.17 0.08
CA VAL A 333 2.35 -0.25 0.70
C VAL A 333 3.69 -0.90 1.02
N ARG A 334 4.77 -0.29 0.53
CA ARG A 334 6.11 -0.80 0.83
C ARG A 334 6.78 -0.03 1.96
N SER A 335 6.62 1.29 1.97
CA SER A 335 7.15 2.12 3.05
C SER A 335 6.05 2.59 3.99
N LEU A 336 6.12 2.19 5.25
CA LEU A 336 5.12 2.62 6.23
C LEU A 336 5.16 4.11 6.61
N PRO A 337 6.37 4.71 6.68
CA PRO A 337 6.46 6.17 6.79
C PRO A 337 5.54 6.90 5.82
N SER A 338 5.52 6.48 4.56
CA SER A 338 4.76 7.20 3.54
C SER A 338 3.24 7.26 3.78
N VAL A 339 2.68 6.29 4.50
CA VAL A 339 1.25 6.29 4.83
C VAL A 339 0.82 7.61 5.50
N GLU A 340 1.69 8.20 6.31
CA GLU A 340 1.41 9.48 6.96
C GLU A 340 1.45 10.63 5.98
N THR A 341 2.50 10.68 5.18
CA THR A 341 2.66 11.75 4.19
C THR A 341 1.81 11.53 2.96
N LEU A 342 1.08 10.42 2.92
CA LEU A 342 0.22 10.12 1.78
C LEU A 342 -1.03 10.98 1.78
N GLY A 343 -1.62 11.18 2.96
CA GLY A 343 -2.77 12.06 3.11
C GLY A 343 -2.40 13.54 3.00
N CYS A 344 -1.16 13.79 2.61
CA CYS A 344 -0.67 15.14 2.39
C CYS A 344 -0.46 15.44 0.91
N THR A 345 -0.61 14.41 0.06
CA THR A 345 -0.38 14.52 -1.38
C THR A 345 -1.17 15.68 -1.95
N SER A 346 -0.52 16.48 -2.79
CA SER A 346 -1.13 17.71 -3.31
C SER A 346 -1.06 17.80 -4.83
N VAL A 347 -0.24 16.94 -5.43
CA VAL A 347 -0.04 16.87 -6.86
C VAL A 347 0.23 15.42 -7.20
N ILE A 348 -0.39 14.91 -8.26
CA ILE A 348 -0.07 13.58 -8.76
C ILE A 348 0.34 13.63 -10.23
N CYS A 349 1.60 13.33 -10.52
CA CYS A 349 1.98 13.13 -11.91
C CYS A 349 1.73 11.68 -12.22
N SER A 350 0.97 11.42 -13.27
CA SER A 350 0.70 10.04 -13.66
C SER A 350 1.10 9.80 -15.10
N ASP A 351 1.49 8.58 -15.40
CA ASP A 351 1.71 8.27 -16.79
C ASP A 351 0.37 7.95 -17.42
N LYS A 352 0.34 7.96 -18.74
CA LYS A 352 -0.91 7.75 -19.44
C LYS A 352 -1.08 6.26 -19.69
N THR A 353 -0.43 5.72 -20.72
CA THR A 353 -0.62 4.32 -21.14
C THR A 353 -0.69 3.29 -20.03
N GLY A 354 -1.88 2.70 -19.86
CA GLY A 354 -2.09 1.66 -18.89
C GLY A 354 -2.29 2.12 -17.46
N THR A 355 -2.34 3.43 -17.23
CA THR A 355 -2.63 3.92 -15.89
C THR A 355 -3.83 4.87 -15.88
N LEU A 356 -3.86 5.82 -16.81
CA LEU A 356 -5.05 6.63 -17.06
C LEU A 356 -5.89 5.94 -18.12
N THR A 357 -5.22 5.20 -18.99
CA THR A 357 -5.89 4.41 -19.99
C THR A 357 -5.80 2.97 -19.54
N THR A 358 -5.98 2.02 -20.47
CA THR A 358 -6.07 0.62 -20.09
C THR A 358 -5.08 -0.29 -20.80
N ASN A 359 -4.34 0.27 -21.74
CA ASN A 359 -3.40 -0.51 -22.55
C ASN A 359 -4.01 -1.67 -23.34
N GLN A 360 -5.33 -1.65 -23.55
CA GLN A 360 -5.92 -2.60 -24.44
C GLN A 360 -5.95 -1.99 -25.83
N MET A 361 -4.88 -2.18 -26.61
CA MET A 361 -4.81 -1.60 -27.95
C MET A 361 -5.74 -2.33 -28.91
N SER A 362 -6.15 -1.63 -29.97
CA SER A 362 -6.96 -2.18 -31.05
C SER A 362 -6.92 -1.27 -32.26
N VAL A 363 -6.43 -1.78 -33.39
CA VAL A 363 -6.38 -1.04 -34.64
C VAL A 363 -7.79 -0.88 -35.13
N CYS A 364 -8.23 0.36 -35.32
CA CYS A 364 -9.66 0.60 -35.59
C CYS A 364 -9.94 1.66 -36.66
N LYS A 365 -8.89 2.17 -37.28
CA LYS A 365 -8.93 2.76 -38.62
C LYS A 365 -7.63 2.39 -39.31
N MET A 366 -7.57 2.48 -40.62
CA MET A 366 -6.32 2.28 -41.34
C MET A 366 -6.50 2.77 -42.75
N PHE A 367 -5.41 3.16 -43.39
CA PHE A 367 -5.54 3.58 -44.76
C PHE A 367 -4.41 3.10 -45.64
N ILE A 368 -4.65 3.06 -46.95
CA ILE A 368 -3.60 2.77 -47.91
C ILE A 368 -3.82 3.75 -49.06
N ILE A 369 -2.89 3.81 -50.00
CA ILE A 369 -3.04 4.70 -51.14
C ILE A 369 -4.10 4.17 -52.10
N ASP A 370 -4.82 5.08 -52.76
CA ASP A 370 -5.88 4.70 -53.68
C ASP A 370 -5.50 5.09 -55.11
N LYS A 371 -5.75 6.32 -55.51
CA LYS A 371 -5.26 6.78 -56.81
C LYS A 371 -4.11 7.75 -56.59
N VAL A 372 -3.27 7.93 -57.61
CA VAL A 372 -2.19 8.90 -57.59
C VAL A 372 -2.08 9.60 -58.96
N ASP A 373 -2.61 10.82 -59.05
CA ASP A 373 -2.59 11.56 -60.30
C ASP A 373 -1.57 12.68 -60.22
N GLY A 374 -0.55 12.64 -61.07
CA GLY A 374 0.52 13.64 -61.02
C GLY A 374 1.21 13.73 -59.66
N ASP A 375 0.78 14.71 -58.86
CA ASP A 375 1.35 14.91 -57.53
C ASP A 375 0.37 14.74 -56.37
N PHE A 376 -0.91 14.54 -56.67
CA PHE A 376 -1.92 14.37 -55.62
C PHE A 376 -2.36 12.91 -55.53
N CYS A 377 -2.97 12.53 -54.42
CA CYS A 377 -3.34 11.15 -54.20
C CYS A 377 -4.71 11.02 -53.52
N SER A 378 -5.40 9.92 -53.81
CA SER A 378 -6.67 9.58 -53.18
C SER A 378 -6.25 8.63 -52.07
N LEU A 379 -6.99 8.58 -50.97
CA LEU A 379 -6.67 7.53 -49.99
C LEU A 379 -7.78 6.50 -49.88
N ASN A 380 -7.38 5.23 -49.82
CA ASN A 380 -8.31 4.16 -49.49
C ASN A 380 -8.32 3.92 -47.99
N GLU A 381 -9.48 4.08 -47.37
CA GLU A 381 -9.51 4.23 -45.93
C GLU A 381 -10.65 3.47 -45.27
N PHE A 382 -10.29 2.65 -44.28
CA PHE A 382 -11.26 1.66 -43.75
C PHE A 382 -11.34 1.78 -42.25
N SER A 383 -12.36 1.22 -41.65
CA SER A 383 -12.40 1.13 -40.21
C SER A 383 -12.58 -0.32 -39.77
N ILE A 384 -12.37 -0.64 -38.51
CA ILE A 384 -12.49 -2.01 -38.03
C ILE A 384 -13.24 -2.06 -36.70
N THR A 385 -14.24 -2.95 -36.59
CA THR A 385 -15.02 -3.08 -35.36
C THR A 385 -14.46 -4.13 -34.41
N GLY A 386 -14.91 -4.05 -33.15
CA GLY A 386 -14.39 -4.92 -32.11
C GLY A 386 -13.13 -4.32 -31.53
N SER A 387 -13.10 -4.18 -30.21
CA SER A 387 -12.02 -3.44 -29.56
C SER A 387 -11.36 -4.24 -28.45
N THR A 388 -11.64 -5.54 -28.38
CA THR A 388 -10.87 -6.42 -27.53
C THR A 388 -9.80 -7.08 -28.40
N TYR A 389 -9.15 -8.12 -27.90
CA TYR A 389 -8.11 -8.77 -28.68
C TYR A 389 -8.72 -9.89 -29.49
N ALA A 390 -10.00 -10.16 -29.23
CA ALA A 390 -10.73 -11.24 -29.90
C ALA A 390 -10.69 -11.00 -31.40
N PRO A 391 -10.52 -12.07 -32.18
CA PRO A 391 -10.49 -11.86 -33.63
C PRO A 391 -11.90 -11.73 -34.18
N GLU A 392 -12.78 -11.06 -33.46
CA GLU A 392 -14.15 -10.90 -33.89
C GLU A 392 -14.44 -9.47 -34.25
N GLY A 393 -14.70 -9.22 -35.54
CA GLY A 393 -15.08 -7.90 -36.02
C GLY A 393 -14.96 -7.81 -37.52
N GLU A 394 -15.34 -6.68 -38.11
CA GLU A 394 -15.20 -6.54 -39.55
C GLU A 394 -14.47 -5.28 -39.98
N VAL A 395 -13.83 -5.38 -41.14
CA VAL A 395 -13.26 -4.23 -41.80
C VAL A 395 -14.40 -3.62 -42.62
N LEU A 396 -14.72 -2.38 -42.31
CA LEU A 396 -15.76 -1.66 -43.01
C LEU A 396 -15.14 -0.69 -44.00
N LYS A 397 -15.92 -0.29 -44.99
CA LYS A 397 -15.59 0.88 -45.80
C LYS A 397 -16.87 1.63 -46.10
N ASN A 398 -16.89 2.91 -45.75
CA ASN A 398 -18.10 3.70 -45.74
C ASN A 398 -19.21 3.03 -44.95
N ASP A 399 -18.84 2.47 -43.81
CA ASP A 399 -19.73 1.71 -42.93
C ASP A 399 -20.38 0.49 -43.58
N LYS A 400 -19.85 0.09 -44.74
CA LYS A 400 -20.26 -1.13 -45.42
C LYS A 400 -19.17 -2.20 -45.23
N PRO A 401 -19.52 -3.37 -44.66
CA PRO A 401 -18.55 -4.45 -44.56
C PRO A 401 -17.92 -4.73 -45.91
N ILE A 402 -16.66 -5.14 -45.92
CA ILE A 402 -15.95 -5.41 -47.16
C ILE A 402 -14.91 -6.49 -46.88
N ARG A 403 -14.49 -7.16 -47.94
CA ARG A 403 -13.47 -8.20 -47.85
C ARG A 403 -12.06 -7.65 -48.15
N SER A 404 -11.19 -7.68 -47.13
CA SER A 404 -9.91 -6.96 -47.20
C SER A 404 -8.93 -7.48 -48.25
N GLY A 405 -9.10 -8.69 -48.75
CA GLY A 405 -8.13 -9.25 -49.67
C GLY A 405 -8.32 -8.74 -51.08
N GLN A 406 -9.48 -8.11 -51.30
CA GLN A 406 -9.79 -7.55 -52.60
C GLN A 406 -8.88 -6.35 -52.88
N PHE A 407 -8.31 -5.78 -51.82
CA PHE A 407 -7.35 -4.71 -51.92
C PHE A 407 -5.90 -5.22 -51.76
N ASP A 408 -5.13 -5.25 -52.86
CA ASP A 408 -3.73 -5.70 -52.80
C ASP A 408 -2.89 -4.87 -51.86
N GLY A 409 -3.27 -3.61 -51.71
CA GLY A 409 -2.64 -2.74 -50.73
C GLY A 409 -2.90 -3.26 -49.34
N LEU A 410 -4.16 -3.60 -49.05
CA LEU A 410 -4.51 -4.17 -47.76
C LEU A 410 -3.80 -5.49 -47.49
N VAL A 411 -3.60 -6.28 -48.56
CA VAL A 411 -2.91 -7.55 -48.41
C VAL A 411 -1.52 -7.32 -47.87
N GLU A 412 -0.80 -6.39 -48.48
CA GLU A 412 0.55 -6.08 -48.04
C GLU A 412 0.62 -5.39 -46.69
N LEU A 413 -0.37 -4.56 -46.39
CA LEU A 413 -0.41 -3.93 -45.08
C LEU A 413 -0.60 -4.97 -43.99
N ALA A 414 -1.37 -6.01 -44.29
CA ALA A 414 -1.58 -7.07 -43.34
C ALA A 414 -0.34 -7.97 -43.26
N THR A 415 0.39 -8.12 -44.36
CA THR A 415 1.58 -8.94 -44.40
C THR A 415 2.65 -8.33 -43.49
N ILE A 416 2.71 -7.01 -43.51
CA ILE A 416 3.63 -6.25 -42.70
C ILE A 416 3.28 -6.41 -41.23
N CYS A 417 2.01 -6.19 -40.90
CA CYS A 417 1.57 -6.32 -39.51
C CYS A 417 1.78 -7.71 -38.91
N ALA A 418 1.89 -8.73 -39.74
CA ALA A 418 2.14 -10.09 -39.24
C ALA A 418 3.60 -10.38 -39.05
N LEU A 419 4.44 -9.95 -39.97
CA LEU A 419 5.89 -10.19 -39.84
C LEU A 419 6.68 -9.19 -38.93
N CYS A 420 6.34 -7.89 -38.91
CA CYS A 420 6.98 -7.00 -37.92
C CYS A 420 6.25 -7.13 -36.60
N ASN A 421 6.36 -8.29 -35.97
CA ASN A 421 5.55 -8.55 -34.81
C ASN A 421 6.27 -9.59 -34.00
N ASP A 422 6.39 -9.37 -32.70
CA ASP A 422 7.07 -10.32 -31.81
C ASP A 422 6.09 -10.89 -30.81
N SER A 423 4.81 -10.74 -31.11
CA SER A 423 3.75 -11.01 -30.15
C SER A 423 2.73 -11.93 -30.76
N SER A 424 1.70 -12.30 -30.00
CA SER A 424 0.75 -13.36 -30.41
C SER A 424 -0.54 -13.40 -29.59
N LEU A 425 -1.54 -14.08 -30.15
CA LEU A 425 -2.83 -14.27 -29.48
C LEU A 425 -2.99 -15.67 -28.88
N ASP A 426 -3.57 -15.74 -27.71
CA ASP A 426 -3.77 -17.02 -27.08
C ASP A 426 -5.14 -17.07 -26.41
N PHE A 427 -5.82 -18.21 -26.54
CA PHE A 427 -7.16 -18.32 -26.02
C PHE A 427 -7.15 -18.93 -24.64
N ASN A 428 -7.84 -18.28 -23.73
CA ASN A 428 -7.84 -18.66 -22.32
C ASN A 428 -9.08 -19.45 -21.99
N GLU A 429 -8.98 -20.78 -22.08
CA GLU A 429 -10.17 -21.62 -21.98
C GLU A 429 -10.86 -21.56 -20.62
N THR A 430 -10.17 -21.01 -19.63
CA THR A 430 -10.74 -20.93 -18.28
C THR A 430 -11.52 -19.62 -18.08
N LYS A 431 -10.92 -18.48 -18.43
CA LYS A 431 -11.64 -17.21 -18.41
C LYS A 431 -12.55 -17.12 -19.64
N GLY A 432 -12.29 -17.97 -20.63
CA GLY A 432 -13.08 -18.00 -21.84
C GLY A 432 -12.91 -16.76 -22.69
N VAL A 433 -11.74 -16.13 -22.62
CA VAL A 433 -11.48 -14.89 -23.34
C VAL A 433 -10.17 -14.95 -24.12
N TYR A 434 -10.10 -14.21 -25.22
CA TYR A 434 -8.86 -14.10 -26.00
C TYR A 434 -7.87 -13.15 -25.33
N GLU A 435 -6.71 -13.66 -24.92
CA GLU A 435 -5.72 -12.85 -24.21
C GLU A 435 -4.42 -12.61 -24.99
N LYS A 436 -3.70 -11.55 -24.63
CA LYS A 436 -2.48 -11.17 -25.35
C LYS A 436 -1.21 -11.82 -24.82
N VAL A 437 -0.24 -11.92 -25.71
CA VAL A 437 1.07 -12.45 -25.39
C VAL A 437 2.06 -11.48 -26.00
N GLY A 438 2.77 -10.71 -25.17
CA GLY A 438 3.65 -9.68 -25.70
C GLY A 438 3.09 -8.28 -25.59
N GLU A 439 3.65 -7.36 -26.36
CA GLU A 439 3.28 -5.96 -26.24
C GLU A 439 1.87 -5.73 -26.74
N ALA A 440 1.07 -5.00 -25.98
CA ALA A 440 -0.30 -4.66 -26.39
C ALA A 440 -0.38 -4.05 -27.79
N THR A 441 0.55 -3.13 -28.10
CA THR A 441 0.52 -2.47 -29.40
C THR A 441 0.83 -3.44 -30.52
N GLU A 442 1.53 -4.51 -30.19
CA GLU A 442 1.82 -5.49 -31.21
C GLU A 442 0.65 -6.46 -31.37
N THR A 443 0.17 -7.00 -30.25
CA THR A 443 -0.99 -7.90 -30.27
C THR A 443 -2.23 -7.24 -30.89
N ALA A 444 -2.26 -5.91 -30.93
CA ALA A 444 -3.34 -5.25 -31.64
C ALA A 444 -3.22 -5.39 -33.16
N LEU A 445 -1.98 -5.39 -33.65
CA LEU A 445 -1.69 -5.75 -35.04
C LEU A 445 -2.01 -7.22 -35.31
N THR A 446 -1.77 -8.07 -34.32
CA THR A 446 -2.05 -9.49 -34.48
C THR A 446 -3.55 -9.70 -34.70
N THR A 447 -4.38 -9.07 -33.88
CA THR A 447 -5.83 -9.23 -33.99
C THR A 447 -6.34 -8.63 -35.29
N LEU A 448 -5.61 -7.68 -35.86
CA LEU A 448 -6.09 -6.99 -37.06
C LEU A 448 -5.87 -7.89 -38.23
N VAL A 449 -4.78 -8.64 -38.20
CA VAL A 449 -4.52 -9.57 -39.29
C VAL A 449 -5.54 -10.72 -39.27
N GLU A 450 -5.86 -11.17 -38.06
CA GLU A 450 -6.96 -12.12 -37.87
C GLU A 450 -8.28 -11.58 -38.41
N LYS A 451 -8.65 -10.36 -38.05
CA LYS A 451 -9.88 -9.77 -38.53
C LYS A 451 -9.84 -9.53 -40.03
N MET A 452 -8.69 -9.16 -40.58
CA MET A 452 -8.66 -8.91 -42.02
C MET A 452 -8.79 -10.19 -42.83
N ASN A 453 -7.91 -11.15 -42.62
CA ASN A 453 -8.01 -12.43 -43.30
C ASN A 453 -7.84 -12.29 -44.81
N VAL A 454 -6.83 -11.54 -45.22
CA VAL A 454 -6.57 -11.20 -46.62
C VAL A 454 -6.50 -12.37 -47.65
N PHE A 455 -6.33 -13.60 -47.17
CA PHE A 455 -6.22 -14.72 -48.10
C PHE A 455 -7.49 -15.58 -48.09
N ASN A 456 -8.40 -15.20 -47.21
CA ASN A 456 -9.70 -15.84 -47.07
C ASN A 456 -9.59 -17.28 -46.63
N THR A 457 -8.60 -17.58 -45.78
CA THR A 457 -8.47 -18.95 -45.30
C THR A 457 -9.62 -19.30 -44.34
N GLU A 458 -9.87 -20.60 -44.21
CA GLU A 458 -11.14 -21.11 -43.68
C GLU A 458 -11.18 -21.13 -42.17
N VAL A 459 -11.54 -20.01 -41.55
CA VAL A 459 -11.45 -19.92 -40.10
C VAL A 459 -12.76 -20.09 -39.36
N ARG A 460 -13.88 -19.97 -40.07
CA ARG A 460 -15.19 -20.06 -39.43
C ARG A 460 -15.38 -21.39 -38.70
N ASN A 461 -14.70 -22.44 -39.15
CA ASN A 461 -14.93 -23.76 -38.58
C ASN A 461 -13.88 -24.25 -37.60
N LEU A 462 -12.89 -23.42 -37.31
CA LEU A 462 -11.86 -23.79 -36.36
C LEU A 462 -12.36 -23.53 -34.96
N SER A 463 -11.61 -23.98 -33.96
CA SER A 463 -11.97 -23.73 -32.57
C SER A 463 -11.30 -22.45 -32.10
N LYS A 464 -11.80 -21.89 -31.00
CA LYS A 464 -11.23 -20.69 -30.42
C LYS A 464 -9.71 -20.72 -30.37
N VAL A 465 -9.16 -21.81 -29.82
CA VAL A 465 -7.71 -21.98 -29.67
C VAL A 465 -6.95 -21.90 -30.99
N GLU A 466 -7.34 -22.73 -31.97
CA GLU A 466 -6.64 -22.74 -33.25
C GLU A 466 -6.96 -21.51 -34.10
N ARG A 467 -8.19 -20.99 -33.97
CA ARG A 467 -8.60 -19.74 -34.61
C ARG A 467 -7.74 -18.52 -34.19
N ALA A 468 -7.13 -18.59 -33.01
CA ALA A 468 -6.47 -17.43 -32.41
C ALA A 468 -5.31 -16.83 -33.20
N ASN A 469 -4.64 -17.62 -34.03
CA ASN A 469 -3.55 -17.10 -34.84
C ASN A 469 -3.59 -17.62 -36.26
N ALA A 470 -4.76 -18.10 -36.69
CA ALA A 470 -4.90 -18.79 -37.96
C ALA A 470 -4.42 -17.98 -39.18
N CYS A 471 -4.90 -16.75 -39.32
CA CYS A 471 -4.56 -15.98 -40.51
C CYS A 471 -3.13 -15.45 -40.47
N ASN A 472 -2.61 -15.23 -39.27
CA ASN A 472 -1.22 -14.83 -39.11
C ASN A 472 -0.27 -15.93 -39.55
N SER A 473 -0.60 -17.18 -39.21
CA SER A 473 0.23 -18.32 -39.56
C SER A 473 0.36 -18.49 -41.06
N VAL A 474 -0.70 -18.12 -41.79
CA VAL A 474 -0.70 -18.23 -43.25
C VAL A 474 0.31 -17.26 -43.86
N ILE A 475 0.47 -16.10 -43.24
CA ILE A 475 1.42 -15.11 -43.76
C ILE A 475 2.84 -15.62 -43.54
N ARG A 476 3.07 -16.29 -42.42
CA ARG A 476 4.40 -16.84 -42.13
C ARG A 476 4.72 -18.01 -43.02
N GLN A 477 3.74 -18.86 -43.27
CA GLN A 477 3.88 -19.91 -44.27
C GLN A 477 4.25 -19.36 -45.66
N LEU A 478 4.20 -18.05 -45.80
CA LEU A 478 4.42 -17.37 -47.07
C LEU A 478 5.76 -16.70 -47.12
N MET A 479 6.08 -16.00 -46.04
CA MET A 479 7.39 -15.36 -45.91
C MET A 479 8.14 -15.87 -44.67
N LYS A 480 9.38 -16.29 -44.89
CA LYS A 480 10.26 -16.71 -43.79
C LYS A 480 10.93 -15.47 -43.21
N LYS A 481 10.59 -15.10 -41.97
CA LYS A 481 11.38 -14.08 -41.25
C LYS A 481 12.76 -14.59 -40.83
N GLU A 482 13.81 -13.94 -41.32
CA GLU A 482 15.17 -14.40 -41.08
C GLU A 482 15.80 -13.74 -39.86
N PHE A 483 15.66 -12.42 -39.77
CA PHE A 483 16.08 -11.70 -38.58
C PHE A 483 15.26 -10.43 -38.37
N THR A 484 15.48 -9.78 -37.23
CA THR A 484 14.79 -8.55 -36.92
C THR A 484 15.78 -7.41 -36.67
N LEU A 485 15.53 -6.26 -37.28
CA LEU A 485 16.28 -5.05 -36.95
C LEU A 485 15.57 -4.29 -35.82
N GLU A 486 15.92 -4.62 -34.59
CA GLU A 486 15.27 -4.09 -33.39
C GLU A 486 15.13 -2.57 -33.42
N PHE A 487 14.03 -2.08 -32.85
CA PHE A 487 13.81 -0.63 -32.70
C PHE A 487 14.98 0.18 -32.16
N SER A 488 15.15 1.39 -32.69
CA SER A 488 16.07 2.40 -32.13
C SER A 488 15.46 3.80 -32.16
N ARG A 489 15.82 4.67 -31.21
CA ARG A 489 15.31 6.06 -31.25
C ARG A 489 15.80 6.89 -32.42
N ASP A 490 17.03 6.67 -32.86
CA ASP A 490 17.57 7.41 -34.00
C ASP A 490 16.72 7.38 -35.29
N ARG A 491 15.69 6.54 -35.35
CA ARG A 491 14.95 6.33 -36.60
C ARG A 491 13.47 6.05 -36.37
N LYS A 492 13.13 5.78 -35.12
CA LYS A 492 11.75 5.50 -34.68
C LYS A 492 11.01 4.45 -35.50
N SER A 493 11.66 3.33 -35.78
CA SER A 493 11.04 2.21 -36.46
C SER A 493 11.82 0.91 -36.17
N MET A 494 11.29 -0.21 -36.64
CA MET A 494 11.98 -1.50 -36.58
C MET A 494 11.65 -2.18 -37.86
N SER A 495 12.35 -3.24 -38.21
CA SER A 495 12.03 -3.95 -39.44
C SER A 495 12.40 -5.41 -39.34
N VAL A 496 11.84 -6.23 -40.22
CA VAL A 496 12.17 -7.64 -40.30
C VAL A 496 12.68 -7.95 -41.70
N TYR A 497 13.69 -8.80 -41.81
CA TYR A 497 14.18 -9.16 -43.14
C TYR A 497 13.61 -10.52 -43.51
N CYS A 498 12.67 -10.56 -44.45
CA CYS A 498 12.03 -11.80 -44.79
C CYS A 498 12.42 -12.29 -46.17
N SER A 499 12.26 -13.60 -46.39
CA SER A 499 12.54 -14.24 -47.67
C SER A 499 11.36 -15.13 -48.05
N PRO A 500 11.27 -15.54 -49.32
CA PRO A 500 10.05 -16.26 -49.70
C PRO A 500 10.04 -17.72 -49.29
N ALA A 501 8.84 -18.22 -48.98
CA ALA A 501 8.60 -19.57 -48.46
C ALA A 501 9.46 -20.67 -49.05
N LYS A 502 9.25 -20.97 -50.34
CA LYS A 502 9.90 -22.10 -51.00
C LYS A 502 11.19 -21.67 -51.72
N SER A 503 12.24 -22.47 -51.60
CA SER A 503 13.52 -22.18 -52.27
C SER A 503 14.47 -23.38 -52.40
N SER A 504 15.47 -23.24 -53.26
CA SER A 504 16.55 -24.22 -53.41
C SER A 504 17.88 -23.52 -53.70
N ARG A 505 18.14 -22.43 -52.99
CA ARG A 505 19.36 -21.63 -53.12
C ARG A 505 19.61 -21.07 -54.54
N ALA A 506 18.93 -19.99 -54.94
CA ALA A 506 17.83 -19.28 -54.25
C ALA A 506 18.06 -18.76 -52.82
N ALA A 507 18.92 -17.77 -52.70
CA ALA A 507 19.04 -17.01 -51.46
C ALA A 507 18.54 -15.59 -51.76
N VAL A 508 17.58 -15.50 -52.68
CA VAL A 508 17.17 -14.23 -53.27
C VAL A 508 15.63 -14.10 -53.33
N GLY A 509 15.13 -12.95 -53.83
CA GLY A 509 13.71 -12.63 -53.90
C GLY A 509 13.18 -11.79 -52.74
N ASN A 510 14.09 -11.32 -51.89
CA ASN A 510 13.74 -10.89 -50.53
C ASN A 510 13.20 -9.47 -50.38
N LYS A 511 12.71 -9.18 -49.18
CA LYS A 511 12.04 -7.93 -48.85
C LYS A 511 12.40 -7.58 -47.42
N MET A 512 12.21 -6.31 -47.07
CA MET A 512 12.23 -5.89 -45.66
C MET A 512 10.93 -5.21 -45.33
N PHE A 513 10.30 -5.62 -44.25
CA PHE A 513 9.06 -5.00 -43.84
C PHE A 513 9.34 -4.14 -42.64
N VAL A 514 9.01 -2.85 -42.77
CA VAL A 514 9.38 -1.81 -41.82
C VAL A 514 8.15 -1.22 -41.20
N LYS A 515 8.16 -1.08 -39.88
CA LYS A 515 7.04 -0.44 -39.20
C LYS A 515 7.53 0.49 -38.10
N GLY A 516 6.93 1.68 -38.03
CA GLY A 516 7.24 2.58 -36.94
C GLY A 516 6.39 3.83 -36.92
N ALA A 517 6.97 4.93 -36.45
CA ALA A 517 6.28 6.19 -36.39
C ALA A 517 6.50 6.91 -37.71
N PRO A 518 5.52 7.73 -38.10
CA PRO A 518 5.59 8.50 -39.34
C PRO A 518 6.76 9.47 -39.33
N GLU A 519 7.10 10.00 -38.17
CA GLU A 519 8.22 10.94 -38.04
C GLU A 519 9.44 10.29 -38.65
N GLY A 520 9.61 9.02 -38.30
CA GLY A 520 10.81 8.29 -38.67
C GLY A 520 10.70 7.73 -40.06
N VAL A 521 9.56 7.11 -40.35
CA VAL A 521 9.43 6.27 -41.53
C VAL A 521 9.30 7.04 -42.83
N ILE A 522 8.52 8.12 -42.81
CA ILE A 522 8.16 8.78 -44.06
C ILE A 522 9.32 9.44 -44.81
N ASP A 523 10.19 10.18 -44.13
CA ASP A 523 11.37 10.74 -44.80
C ASP A 523 12.14 9.66 -45.59
N ARG A 524 12.04 8.43 -45.14
CA ARG A 524 12.81 7.34 -45.71
C ARG A 524 12.07 6.59 -46.83
N CYS A 525 10.92 7.10 -47.26
CA CYS A 525 10.17 6.48 -48.36
C CYS A 525 10.34 7.21 -49.68
N ASN A 526 10.87 6.52 -50.68
CA ASN A 526 10.99 7.11 -52.01
C ASN A 526 9.83 6.80 -52.91
N TYR A 527 9.08 5.77 -52.54
CA TYR A 527 7.99 5.33 -53.36
C TYR A 527 6.74 5.15 -52.54
N VAL A 528 5.63 5.07 -53.26
CA VAL A 528 4.35 4.82 -52.65
C VAL A 528 3.77 3.57 -53.33
N ARG A 529 3.21 2.65 -52.54
CA ARG A 529 2.52 1.52 -53.15
C ARG A 529 1.03 1.82 -53.41
N VAL A 530 0.69 1.76 -54.70
CA VAL A 530 -0.68 1.91 -55.18
C VAL A 530 -1.13 0.57 -55.71
N GLY A 531 -1.76 -0.24 -54.86
CA GLY A 531 -2.21 -1.56 -55.28
C GLY A 531 -1.12 -2.62 -55.29
N THR A 532 -0.47 -2.81 -56.44
CA THR A 532 0.73 -3.63 -56.49
C THR A 532 1.78 -2.89 -57.30
N THR A 533 1.41 -1.71 -57.77
CA THR A 533 2.33 -0.93 -58.56
C THR A 533 2.99 0.04 -57.61
N ARG A 534 4.02 0.73 -58.06
CA ARG A 534 4.61 1.77 -57.21
C ARG A 534 4.94 3.00 -58.02
N VAL A 535 4.87 4.14 -57.36
CA VAL A 535 5.12 5.40 -58.01
C VAL A 535 5.88 6.27 -57.02
N PRO A 536 6.70 7.18 -57.54
CA PRO A 536 7.52 8.10 -56.76
C PRO A 536 6.74 8.83 -55.68
N MET A 537 7.28 8.81 -54.46
CA MET A 537 6.76 9.65 -53.39
C MET A 537 7.04 11.10 -53.77
N THR A 538 6.15 12.01 -53.38
CA THR A 538 6.30 13.41 -53.70
C THR A 538 5.80 14.28 -52.58
N GLY A 539 6.01 15.59 -52.71
CA GLY A 539 5.60 16.53 -51.69
C GLY A 539 4.17 16.37 -51.22
N PRO A 540 3.19 16.69 -52.10
CA PRO A 540 1.78 16.73 -51.72
C PRO A 540 1.26 15.39 -51.25
N VAL A 541 1.89 14.30 -51.70
CA VAL A 541 1.54 12.96 -51.22
C VAL A 541 1.94 12.83 -49.77
N LYS A 542 3.21 13.09 -49.49
CA LYS A 542 3.73 13.16 -48.13
C LYS A 542 2.84 14.01 -47.23
N GLU A 543 2.61 15.26 -47.64
CA GLU A 543 1.76 16.19 -46.89
C GLU A 543 0.35 15.59 -46.64
N LYS A 544 -0.13 14.77 -47.57
CA LYS A 544 -1.50 14.22 -47.51
C LYS A 544 -1.60 13.13 -46.46
N ILE A 545 -0.69 12.18 -46.55
CA ILE A 545 -0.54 11.19 -45.51
C ILE A 545 -0.43 11.86 -44.14
N LEU A 546 0.48 12.83 -44.00
CA LEU A 546 0.71 13.44 -42.69
C LEU A 546 -0.56 14.10 -42.15
N SER A 547 -1.27 14.80 -43.03
CA SER A 547 -2.47 15.53 -42.65
C SER A 547 -3.54 14.62 -42.05
N VAL A 548 -3.64 13.38 -42.56
CA VAL A 548 -4.64 12.43 -42.08
C VAL A 548 -4.19 11.85 -40.74
N ILE A 549 -2.90 11.57 -40.63
CA ILE A 549 -2.37 11.10 -39.35
C ILE A 549 -2.65 12.15 -38.29
N LYS A 550 -2.54 13.43 -38.63
CA LYS A 550 -2.84 14.47 -37.65
C LYS A 550 -4.29 14.44 -37.19
N GLU A 551 -5.21 14.36 -38.15
CA GLU A 551 -6.65 14.45 -37.88
C GLU A 551 -7.13 13.30 -37.00
N TRP A 552 -6.49 12.15 -37.20
CA TRP A 552 -6.78 10.96 -36.41
C TRP A 552 -6.30 11.13 -34.99
N GLY A 553 -5.18 11.84 -34.84
CA GLY A 553 -4.60 12.10 -33.52
C GLY A 553 -5.45 13.02 -32.67
N THR A 554 -5.95 14.09 -33.28
CA THR A 554 -6.55 15.19 -32.53
C THR A 554 -8.06 15.09 -32.34
N GLY A 555 -8.66 13.99 -32.81
CA GLY A 555 -10.11 13.89 -32.80
C GLY A 555 -10.74 12.62 -32.31
N ARG A 556 -11.58 12.75 -31.28
CA ARG A 556 -12.59 11.75 -30.90
C ARG A 556 -12.06 10.49 -30.20
N ASP A 557 -11.24 9.74 -30.92
CA ASP A 557 -10.70 8.51 -30.38
C ASP A 557 -9.19 8.62 -30.20
N THR A 558 -8.64 9.67 -30.82
CA THR A 558 -7.24 10.03 -30.62
C THR A 558 -6.32 8.82 -30.78
N LEU A 559 -5.97 8.56 -32.02
CA LEU A 559 -5.29 7.33 -32.38
C LEU A 559 -3.81 7.55 -32.56
N ARG A 560 -3.01 6.69 -31.94
CA ARG A 560 -1.59 6.67 -32.25
C ARG A 560 -1.46 5.85 -33.54
N CYS A 561 -0.67 6.35 -34.49
CA CYS A 561 -0.57 5.73 -35.82
C CYS A 561 0.79 5.12 -36.12
N LEU A 562 0.80 3.97 -36.81
CA LEU A 562 2.04 3.37 -37.32
C LEU A 562 2.13 3.50 -38.83
N ALA A 563 3.31 3.87 -39.32
CA ALA A 563 3.54 3.92 -40.77
C ALA A 563 4.15 2.62 -41.24
N LEU A 564 3.51 1.94 -42.17
CA LEU A 564 4.03 0.65 -42.63
C LEU A 564 4.65 0.76 -44.02
N ALA A 565 5.86 0.23 -44.17
CA ALA A 565 6.53 0.30 -45.47
C ALA A 565 7.31 -0.98 -45.81
N THR A 566 7.83 -1.06 -47.03
CA THR A 566 8.57 -2.23 -47.47
C THR A 566 9.81 -1.79 -48.23
N ARG A 567 10.92 -2.46 -48.02
CA ARG A 567 12.05 -2.21 -48.91
C ARG A 567 12.10 -3.29 -49.99
N ASP A 568 11.61 -2.93 -51.18
CA ASP A 568 11.47 -3.83 -52.31
C ASP A 568 12.76 -4.44 -52.85
N THR A 569 13.89 -3.80 -52.61
CA THR A 569 15.20 -4.36 -52.94
C THR A 569 16.16 -4.14 -51.78
N PRO A 570 16.04 -4.94 -50.72
CA PRO A 570 16.92 -4.78 -49.56
C PRO A 570 18.33 -5.20 -49.94
N PRO A 571 19.31 -4.91 -49.06
CA PRO A 571 20.66 -5.42 -49.33
C PRO A 571 20.77 -6.94 -49.13
N LYS A 572 21.85 -7.52 -49.63
CA LYS A 572 22.09 -8.94 -49.46
C LYS A 572 22.29 -9.29 -47.98
N ARG A 573 21.79 -10.46 -47.61
CA ARG A 573 21.97 -11.05 -46.30
C ARG A 573 23.45 -10.97 -45.82
N GLU A 574 24.36 -11.23 -46.75
CA GLU A 574 25.80 -11.21 -46.50
C GLU A 574 26.35 -9.81 -46.14
N GLU A 575 25.58 -8.77 -46.43
CA GLU A 575 26.04 -7.38 -46.29
C GLU A 575 25.46 -6.63 -45.08
N MET A 576 24.81 -7.35 -44.17
CA MET A 576 24.19 -6.73 -42.99
C MET A 576 24.74 -7.27 -41.67
N VAL A 577 24.75 -6.39 -40.66
CA VAL A 577 25.39 -6.67 -39.36
C VAL A 577 24.52 -6.12 -38.23
N LEU A 578 24.26 -6.90 -37.17
CA LEU A 578 23.24 -6.48 -36.22
C LEU A 578 23.75 -6.10 -34.82
N ASP A 579 25.08 -6.06 -34.64
CA ASP A 579 25.69 -5.72 -33.35
C ASP A 579 25.41 -4.27 -32.97
N ASP A 580 25.67 -3.34 -33.90
CA ASP A 580 25.41 -1.93 -33.68
C ASP A 580 24.14 -1.48 -34.36
N SER A 581 23.22 -1.07 -33.51
CA SER A 581 21.84 -0.69 -33.82
C SER A 581 21.73 0.51 -34.77
N SER A 582 22.83 1.21 -34.95
CA SER A 582 22.80 2.52 -35.58
C SER A 582 22.94 2.48 -37.09
N ARG A 583 23.20 1.32 -37.68
CA ARG A 583 23.14 1.23 -39.15
C ARG A 583 21.77 0.82 -39.69
N PHE A 584 20.80 0.58 -38.81
CA PHE A 584 19.55 0.03 -39.25
C PHE A 584 18.73 1.09 -39.96
N MET A 585 18.99 2.36 -39.65
CA MET A 585 18.25 3.44 -40.29
C MET A 585 18.67 3.61 -41.76
N GLU A 586 19.90 3.21 -42.08
CA GLU A 586 20.32 3.13 -43.48
C GLU A 586 19.93 1.80 -44.14
N TYR A 587 19.79 0.73 -43.35
CA TYR A 587 19.29 -0.52 -43.92
C TYR A 587 17.86 -0.27 -44.38
N GLU A 588 17.12 0.47 -43.57
CA GLU A 588 15.76 0.82 -43.91
C GLU A 588 15.67 2.15 -44.64
N THR A 589 16.33 2.25 -45.79
CA THR A 589 16.11 3.35 -46.73
C THR A 589 15.55 2.87 -48.07
N ASP A 590 15.33 3.80 -49.00
CA ASP A 590 14.71 3.50 -50.28
C ASP A 590 13.39 2.73 -50.10
N LEU A 591 12.60 3.13 -49.11
CA LEU A 591 11.40 2.39 -48.75
C LEU A 591 10.25 2.70 -49.68
N THR A 592 9.22 1.85 -49.63
CA THR A 592 8.00 2.06 -50.36
C THR A 592 6.89 2.14 -49.35
N PHE A 593 6.18 3.26 -49.32
CA PHE A 593 5.09 3.46 -48.37
C PHE A 593 3.95 2.49 -48.68
N VAL A 594 3.33 1.93 -47.64
CA VAL A 594 2.17 1.07 -47.87
C VAL A 594 0.90 1.65 -47.28
N GLY A 595 0.86 1.78 -45.96
CA GLY A 595 -0.34 2.25 -45.33
C GLY A 595 -0.09 2.73 -43.93
N VAL A 596 -1.16 2.93 -43.17
CA VAL A 596 -1.01 3.37 -41.79
C VAL A 596 -2.03 2.63 -40.97
N VAL A 597 -1.64 2.10 -39.82
CA VAL A 597 -2.65 1.60 -38.89
C VAL A 597 -2.78 2.67 -37.82
N GLY A 598 -4.01 3.05 -37.46
CA GLY A 598 -4.23 3.90 -36.30
C GLY A 598 -4.90 3.14 -35.16
N MET A 599 -4.34 3.18 -33.95
CA MET A 599 -4.95 2.38 -32.89
C MET A 599 -5.40 3.13 -31.64
N LEU A 600 -6.39 2.51 -31.00
CA LEU A 600 -7.14 3.11 -29.92
C LEU A 600 -6.61 2.56 -28.61
N ASP A 601 -6.63 3.39 -27.57
CA ASP A 601 -6.18 2.99 -26.25
C ASP A 601 -7.12 3.72 -25.30
N PRO A 602 -8.23 3.08 -24.98
CA PRO A 602 -9.35 3.67 -24.26
C PRO A 602 -9.03 4.09 -22.85
N PRO A 603 -9.48 5.28 -22.47
CA PRO A 603 -9.49 5.74 -21.09
C PRO A 603 -10.06 4.71 -20.15
N ARG A 604 -9.58 4.76 -18.92
CA ARG A 604 -10.00 3.89 -17.84
C ARG A 604 -11.43 4.31 -17.57
N LYS A 605 -12.25 3.44 -17.00
CA LYS A 605 -13.66 3.78 -16.85
C LYS A 605 -13.89 4.69 -15.65
N GLU A 606 -12.98 4.65 -14.69
CA GLU A 606 -13.17 5.39 -13.46
C GLU A 606 -12.26 6.63 -13.34
N VAL A 607 -11.37 6.84 -14.31
CA VAL A 607 -10.45 7.99 -14.26
C VAL A 607 -11.16 9.32 -14.27
N MET A 608 -12.19 9.46 -15.11
CA MET A 608 -12.81 10.76 -15.26
C MET A 608 -13.41 11.21 -13.93
N GLY A 609 -14.16 10.31 -13.30
CA GLY A 609 -14.69 10.54 -11.97
C GLY A 609 -13.62 10.63 -10.90
N SER A 610 -12.51 9.95 -11.10
CA SER A 610 -11.42 10.02 -10.12
C SER A 610 -10.76 11.40 -10.11
N ILE A 611 -10.45 11.93 -11.29
CA ILE A 611 -9.84 13.25 -11.41
C ILE A 611 -10.75 14.32 -10.80
N GLN A 612 -12.05 14.11 -10.89
CA GLN A 612 -12.98 15.01 -10.24
C GLN A 612 -12.86 14.93 -8.72
N LEU A 613 -12.45 13.79 -8.22
CA LEU A 613 -12.38 13.64 -6.77
C LEU A 613 -11.15 14.38 -6.27
N CYS A 614 -10.09 14.38 -7.08
CA CYS A 614 -8.88 15.12 -6.78
C CYS A 614 -9.14 16.61 -6.75
N ARG A 615 -9.98 17.10 -7.68
CA ARG A 615 -10.42 18.48 -7.65
C ARG A 615 -11.08 18.80 -6.32
N ASP A 616 -12.15 18.09 -5.98
CA ASP A 616 -12.86 18.30 -4.72
C ASP A 616 -11.92 18.27 -3.52
N ALA A 617 -10.81 17.55 -3.65
CA ALA A 617 -9.86 17.36 -2.57
C ALA A 617 -8.58 18.16 -2.77
N GLY A 618 -8.63 19.14 -3.67
CA GLY A 618 -7.51 20.03 -3.91
C GLY A 618 -6.23 19.35 -4.29
N ILE A 619 -6.31 18.37 -5.20
CA ILE A 619 -5.12 17.67 -5.62
C ILE A 619 -4.89 17.83 -7.11
N ARG A 620 -3.79 18.48 -7.49
CA ARG A 620 -3.48 18.67 -8.90
C ARG A 620 -3.07 17.35 -9.51
N VAL A 621 -3.44 17.14 -10.78
CA VAL A 621 -3.13 15.91 -11.47
C VAL A 621 -2.43 16.28 -12.76
N ILE A 622 -1.31 15.62 -13.04
CA ILE A 622 -0.51 15.98 -14.20
C ILE A 622 -0.27 14.76 -15.06
N MET A 623 -0.81 14.78 -16.27
CA MET A 623 -0.55 13.69 -17.18
C MET A 623 0.84 13.78 -17.78
N ILE A 624 1.59 12.69 -17.71
CA ILE A 624 2.84 12.60 -18.45
C ILE A 624 2.74 11.47 -19.43
N THR A 625 2.57 11.80 -20.71
CA THR A 625 2.34 10.83 -21.78
C THR A 625 3.46 10.93 -22.81
N GLY A 626 3.38 10.10 -23.83
CA GLY A 626 4.41 10.03 -24.84
C GLY A 626 3.81 10.23 -26.22
N ASP A 627 2.50 10.46 -26.26
CA ASP A 627 1.83 10.85 -27.49
C ASP A 627 2.38 12.21 -27.86
N ASN A 628 2.29 12.59 -29.13
CA ASN A 628 2.56 13.98 -29.50
C ASN A 628 1.62 14.87 -28.71
N LYS A 629 1.90 16.17 -28.72
CA LYS A 629 1.18 17.09 -27.84
C LYS A 629 -0.30 17.17 -28.14
N GLY A 630 -0.65 17.20 -29.43
CA GLY A 630 -2.02 17.41 -29.86
C GLY A 630 -2.95 16.34 -29.33
N THR A 631 -2.53 15.09 -29.50
CA THR A 631 -3.27 13.95 -29.02
C THR A 631 -3.39 14.01 -27.50
N ALA A 632 -2.26 14.17 -26.83
CA ALA A 632 -2.20 14.34 -25.37
C ALA A 632 -3.27 15.26 -24.81
N ILE A 633 -3.43 16.43 -25.44
CA ILE A 633 -4.40 17.43 -24.99
C ILE A 633 -5.82 16.97 -25.23
N ALA A 634 -6.04 16.30 -26.37
CA ALA A 634 -7.34 15.69 -26.67
C ALA A 634 -7.73 14.65 -25.63
N ILE A 635 -6.75 13.87 -25.21
CA ILE A 635 -6.93 12.89 -24.15
C ILE A 635 -7.23 13.54 -22.79
N CYS A 636 -6.54 14.64 -22.47
CA CYS A 636 -6.81 15.38 -21.23
C CYS A 636 -8.22 15.95 -21.18
N ARG A 637 -8.77 16.32 -22.33
CA ARG A 637 -10.10 16.90 -22.35
C ARG A 637 -11.11 15.80 -22.13
N ARG A 638 -10.86 14.67 -22.77
CA ARG A 638 -11.71 13.50 -22.68
C ARG A 638 -11.84 13.00 -21.24
N ILE A 639 -10.75 13.00 -20.49
CA ILE A 639 -10.76 12.49 -19.13
C ILE A 639 -10.94 13.54 -18.04
N GLY A 640 -11.23 14.78 -18.44
CA GLY A 640 -11.55 15.83 -17.47
C GLY A 640 -10.40 16.62 -16.83
N ILE A 641 -9.19 16.46 -17.32
CA ILE A 641 -8.09 17.32 -16.88
C ILE A 641 -8.40 18.75 -17.34
N PHE A 642 -8.78 18.88 -18.62
CA PHE A 642 -9.14 20.16 -19.23
C PHE A 642 -10.63 20.24 -19.50
N GLY A 643 -11.12 21.42 -19.83
CA GLY A 643 -12.52 21.60 -20.15
C GLY A 643 -12.75 21.26 -21.61
N GLU A 644 -14.00 21.14 -22.01
CA GLU A 644 -14.31 20.86 -23.40
C GLU A 644 -13.74 21.97 -24.29
N ASN A 645 -13.82 23.21 -23.81
CA ASN A 645 -13.30 24.36 -24.56
C ASN A 645 -12.30 25.20 -23.78
N GLU A 646 -11.74 24.63 -22.71
CA GLU A 646 -10.71 25.30 -21.94
C GLU A 646 -9.57 25.75 -22.83
N GLU A 647 -8.84 26.76 -22.40
CA GLU A 647 -7.69 27.26 -23.13
C GLU A 647 -6.44 26.74 -22.44
N VAL A 648 -5.55 26.09 -23.19
CA VAL A 648 -4.37 25.47 -22.56
C VAL A 648 -3.04 25.66 -23.28
N ALA A 649 -2.87 26.77 -23.98
CA ALA A 649 -1.63 26.96 -24.72
C ALA A 649 -0.49 27.33 -23.77
N ASP A 650 -0.77 27.25 -22.48
CA ASP A 650 0.22 27.54 -21.46
C ASP A 650 0.09 26.55 -20.31
N ARG A 651 -0.72 25.51 -20.50
CA ARG A 651 -0.90 24.48 -19.46
C ARG A 651 -0.49 23.10 -19.95
N ALA A 652 0.02 23.02 -21.17
CA ALA A 652 0.51 21.76 -21.70
C ALA A 652 1.78 21.95 -22.52
N TYR A 653 2.80 21.17 -22.20
CA TYR A 653 4.11 21.32 -22.83
C TYR A 653 4.66 20.02 -23.44
N THR A 654 5.20 20.14 -24.66
CA THR A 654 6.12 19.18 -25.24
C THR A 654 7.36 19.25 -24.36
N GLY A 655 8.08 18.14 -24.21
CA GLY A 655 9.31 18.13 -23.43
C GLY A 655 10.36 19.01 -24.09
N ARG A 656 10.21 19.24 -25.39
CA ARG A 656 11.13 20.05 -26.15
C ARG A 656 10.80 21.52 -25.99
N GLU A 657 9.50 21.81 -25.98
CA GLU A 657 9.00 23.14 -25.72
C GLU A 657 9.44 23.51 -24.33
N PHE A 658 9.31 22.58 -23.40
CA PHE A 658 9.62 22.81 -22.00
C PHE A 658 11.12 23.09 -21.77
N ASP A 659 11.93 22.61 -22.70
CA ASP A 659 13.36 22.74 -22.61
C ASP A 659 13.88 24.04 -23.21
N ASP A 660 12.98 24.86 -23.72
CA ASP A 660 13.39 26.14 -24.28
C ASP A 660 12.95 27.31 -23.40
N LEU A 661 12.10 27.02 -22.42
CA LEU A 661 11.77 28.02 -21.43
C LEU A 661 13.02 28.22 -20.59
N PRO A 662 13.38 29.47 -20.29
CA PRO A 662 14.42 29.69 -19.29
C PRO A 662 14.03 28.97 -18.00
N LEU A 663 14.95 28.82 -17.07
CA LEU A 663 14.61 27.94 -15.94
C LEU A 663 13.51 28.62 -15.13
N ALA A 664 13.58 29.95 -15.09
CA ALA A 664 12.68 30.77 -14.29
C ALA A 664 11.25 30.44 -14.63
N GLU A 665 11.02 30.20 -15.91
CA GLU A 665 9.73 29.98 -16.51
C GLU A 665 9.35 28.49 -16.59
N GLN A 666 10.33 27.60 -16.43
CA GLN A 666 10.02 26.17 -16.31
C GLN A 666 9.41 25.93 -14.93
N ARG A 667 9.95 26.63 -13.92
CA ARG A 667 9.46 26.51 -12.55
C ARG A 667 8.03 26.99 -12.54
N GLU A 668 7.81 28.04 -13.33
CA GLU A 668 6.49 28.63 -13.51
C GLU A 668 5.50 27.64 -14.13
N ALA A 669 5.82 27.18 -15.34
CA ALA A 669 4.98 26.23 -16.06
C ALA A 669 4.51 25.09 -15.17
N CYS A 670 5.44 24.49 -14.40
CA CYS A 670 5.10 23.40 -13.48
C CYS A 670 4.01 23.74 -12.47
N ARG A 671 3.76 25.02 -12.25
CA ARG A 671 2.75 25.45 -11.29
C ARG A 671 1.34 25.39 -11.90
N ARG A 672 1.27 25.53 -13.22
CA ARG A 672 -0.02 25.61 -13.89
C ARG A 672 -0.26 24.44 -14.85
N ALA A 673 0.83 23.80 -15.27
CA ALA A 673 0.78 22.72 -16.25
C ALA A 673 0.08 21.49 -15.69
N CYS A 674 -0.73 20.86 -16.52
CA CYS A 674 -1.36 19.59 -16.17
C CYS A 674 -1.13 18.53 -17.22
N CYS A 675 -0.36 18.87 -18.26
CA CYS A 675 -0.09 17.92 -19.32
C CYS A 675 1.29 18.05 -19.95
N PHE A 676 2.14 17.07 -19.73
CA PHE A 676 3.45 17.05 -20.36
C PHE A 676 3.52 15.92 -21.39
N ALA A 677 3.88 16.26 -22.62
CA ALA A 677 3.91 15.27 -23.67
C ALA A 677 5.30 15.10 -24.25
N ARG A 678 5.60 13.89 -24.73
CA ARG A 678 6.86 13.54 -25.39
C ARG A 678 8.07 14.02 -24.63
N VAL A 679 8.22 13.53 -23.39
CA VAL A 679 9.29 13.99 -22.50
C VAL A 679 10.33 12.92 -22.23
N GLU A 680 11.49 13.34 -21.72
CA GLU A 680 12.61 12.47 -21.33
C GLU A 680 12.50 11.99 -19.90
N PRO A 681 13.19 10.89 -19.55
CA PRO A 681 13.09 10.49 -18.15
C PRO A 681 13.72 11.53 -17.22
N SER A 682 14.74 12.24 -17.70
CA SER A 682 15.28 13.36 -16.95
C SER A 682 14.17 14.32 -16.46
N HIS A 683 13.20 14.60 -17.35
CA HIS A 683 12.11 15.52 -17.06
C HIS A 683 11.26 15.15 -15.83
N LYS A 684 11.26 13.87 -15.44
CA LYS A 684 10.45 13.51 -14.29
C LYS A 684 11.01 14.14 -13.02
N SER A 685 12.33 14.07 -12.89
CA SER A 685 13.02 14.67 -11.75
C SER A 685 12.94 16.20 -11.80
N LYS A 686 13.23 16.76 -12.98
CA LYS A 686 13.10 18.19 -13.20
C LYS A 686 11.76 18.72 -12.66
N ILE A 687 10.66 18.11 -13.10
CA ILE A 687 9.35 18.49 -12.61
C ILE A 687 9.24 18.41 -11.07
N VAL A 688 9.61 17.27 -10.48
CA VAL A 688 9.52 17.10 -9.03
C VAL A 688 10.31 18.18 -8.31
N GLU A 689 11.50 18.48 -8.83
CA GLU A 689 12.31 19.56 -8.28
C GLU A 689 11.54 20.89 -8.23
N TYR A 690 10.93 21.28 -9.35
CA TYR A 690 10.23 22.55 -9.41
C TYR A 690 9.02 22.56 -8.48
N LEU A 691 8.28 21.47 -8.45
CA LEU A 691 7.11 21.39 -7.59
C LEU A 691 7.56 21.49 -6.16
N GLN A 692 8.72 20.92 -5.90
CA GLN A 692 9.23 20.89 -4.55
C GLN A 692 9.48 22.32 -4.07
N SER A 693 9.85 23.20 -4.99
CA SER A 693 10.21 24.55 -4.60
C SER A 693 9.00 25.33 -4.15
N TYR A 694 7.80 24.86 -4.51
CA TYR A 694 6.57 25.46 -3.98
C TYR A 694 6.03 24.65 -2.82
N ASP A 695 6.89 23.87 -2.17
CA ASP A 695 6.47 23.07 -1.01
C ASP A 695 5.28 22.19 -1.33
N GLU A 696 5.27 21.59 -2.51
CA GLU A 696 4.16 20.70 -2.85
C GLU A 696 4.51 19.23 -2.63
N ILE A 697 3.62 18.49 -1.99
CA ILE A 697 3.83 17.05 -1.80
C ILE A 697 3.45 16.24 -3.04
N THR A 698 4.46 15.77 -3.77
CA THR A 698 4.26 15.15 -5.09
C THR A 698 4.31 13.62 -5.08
N ALA A 699 3.31 13.00 -5.69
CA ALA A 699 3.35 11.57 -5.94
C ALA A 699 3.63 11.35 -7.41
N MET A 700 4.74 10.72 -7.71
CA MET A 700 5.10 10.43 -9.09
C MET A 700 4.95 8.93 -9.37
N THR A 701 4.43 8.57 -10.54
CA THR A 701 4.36 7.17 -10.97
C THR A 701 5.61 6.80 -11.76
N GLY A 702 5.79 5.51 -12.03
CA GLY A 702 6.93 5.02 -12.79
C GLY A 702 6.93 3.51 -12.85
N ASP A 703 7.69 2.95 -13.78
CA ASP A 703 7.68 1.51 -14.01
C ASP A 703 8.99 0.95 -14.53
N GLY A 704 9.76 1.77 -15.24
CA GLY A 704 11.00 1.31 -15.82
C GLY A 704 12.20 1.61 -14.96
N VAL A 705 13.35 1.05 -15.30
CA VAL A 705 14.57 1.30 -14.53
C VAL A 705 14.86 2.80 -14.52
N ASN A 706 14.59 3.47 -15.64
CA ASN A 706 14.84 4.89 -15.74
C ASN A 706 13.89 5.77 -14.91
N ASP A 707 12.86 5.15 -14.34
CA ASP A 707 11.94 5.91 -13.49
C ASP A 707 12.47 5.93 -12.07
N ALA A 708 13.51 5.13 -11.83
CA ALA A 708 14.06 4.96 -10.48
C ALA A 708 14.46 6.26 -9.78
N PRO A 709 15.26 7.12 -10.46
CA PRO A 709 15.67 8.39 -9.83
C PRO A 709 14.50 9.28 -9.40
N ALA A 710 13.58 9.57 -10.31
CA ALA A 710 12.43 10.41 -9.99
C ALA A 710 11.51 9.79 -8.95
N LEU A 711 11.40 8.45 -8.95
CA LEU A 711 10.59 7.76 -7.95
C LEU A 711 11.22 7.88 -6.57
N LYS A 712 12.55 7.91 -6.53
CA LYS A 712 13.25 8.07 -5.26
C LYS A 712 13.05 9.50 -4.80
N LYS A 713 13.29 10.42 -5.74
CA LYS A 713 13.25 11.87 -5.52
C LYS A 713 11.87 12.41 -5.17
N ALA A 714 10.81 11.82 -5.73
CA ALA A 714 9.43 12.23 -5.38
C ALA A 714 9.17 12.13 -3.89
N GLU A 715 8.10 12.74 -3.41
CA GLU A 715 7.72 12.55 -2.01
C GLU A 715 7.16 11.17 -1.88
N ILE A 716 6.31 10.79 -2.83
CA ILE A 716 5.74 9.44 -2.89
C ILE A 716 5.95 8.75 -4.25
N GLY A 717 6.84 7.78 -4.31
CA GLY A 717 7.09 7.08 -5.56
C GLY A 717 6.11 5.95 -5.69
N ILE A 718 5.48 5.83 -6.84
CA ILE A 718 4.42 4.86 -7.00
C ILE A 718 4.68 3.99 -8.22
N ALA A 719 5.01 2.73 -7.96
CA ALA A 719 5.41 1.82 -9.01
C ALA A 719 4.25 1.00 -9.54
N MET A 720 4.32 0.66 -10.83
CA MET A 720 3.33 -0.22 -11.44
C MET A 720 3.69 -1.66 -11.11
N GLY A 721 2.68 -2.43 -10.72
CA GLY A 721 2.85 -3.85 -10.43
C GLY A 721 3.26 -4.65 -11.65
N SER A 722 2.75 -4.27 -12.82
CA SER A 722 3.12 -4.91 -14.07
C SER A 722 4.52 -4.46 -14.50
N GLY A 723 5.11 -3.57 -13.68
CA GLY A 723 6.38 -2.92 -13.97
C GLY A 723 7.64 -3.71 -13.64
N THR A 724 8.73 -3.02 -13.32
CA THR A 724 10.00 -3.68 -13.00
C THR A 724 10.33 -3.71 -11.51
N ALA A 725 11.04 -4.75 -11.08
CA ALA A 725 11.41 -4.91 -9.68
C ALA A 725 12.22 -3.72 -9.24
N VAL A 726 13.14 -3.32 -10.13
CA VAL A 726 13.95 -2.12 -9.96
C VAL A 726 13.11 -0.87 -9.66
N ALA A 727 12.00 -0.70 -10.36
CA ALA A 727 11.23 0.51 -10.15
C ALA A 727 10.39 0.43 -8.89
N LYS A 728 10.23 -0.77 -8.35
CA LYS A 728 9.37 -0.91 -7.19
C LYS A 728 10.15 -0.67 -5.92
N THR A 729 11.45 -0.98 -5.94
CA THR A 729 12.30 -0.81 -4.76
C THR A 729 12.42 0.68 -4.52
N ALA A 730 12.48 1.44 -5.62
CA ALA A 730 12.48 2.90 -5.55
C ALA A 730 11.22 3.48 -4.89
N SER A 731 10.22 2.65 -4.68
CA SER A 731 8.89 3.15 -4.39
C SER A 731 8.41 2.92 -2.98
N GLU A 732 7.33 3.62 -2.68
CA GLU A 732 6.70 3.59 -1.37
C GLU A 732 5.39 2.83 -1.50
N MET A 733 4.83 2.82 -2.71
CA MET A 733 3.61 2.07 -3.04
C MET A 733 3.76 1.36 -4.36
N VAL A 734 3.15 0.17 -4.47
CA VAL A 734 2.97 -0.46 -5.77
C VAL A 734 1.48 -0.63 -6.06
N LEU A 735 1.05 -0.23 -7.25
CA LEU A 735 -0.35 -0.39 -7.65
C LEU A 735 -0.51 -1.75 -8.30
N ALA A 736 -1.33 -2.60 -7.67
CA ALA A 736 -1.50 -3.97 -8.11
C ALA A 736 -2.12 -4.01 -9.50
N ASP A 737 -3.07 -3.11 -9.75
CA ASP A 737 -3.81 -3.07 -10.98
C ASP A 737 -3.40 -1.93 -11.93
N ASP A 738 -2.28 -1.28 -11.61
CA ASP A 738 -1.69 -0.23 -12.45
C ASP A 738 -2.61 0.98 -12.60
N ASN A 739 -3.72 0.96 -11.87
CA ASN A 739 -4.78 1.96 -12.05
C ASN A 739 -4.54 3.31 -11.39
N PHE A 740 -4.85 4.38 -12.12
CA PHE A 740 -4.81 5.73 -11.56
C PHE A 740 -5.75 5.82 -10.38
N SER A 741 -6.91 5.21 -10.52
CA SER A 741 -7.94 5.31 -9.51
C SER A 741 -7.47 4.69 -8.21
N THR A 742 -6.52 3.76 -8.33
CA THR A 742 -5.93 3.15 -7.16
C THR A 742 -5.13 4.16 -6.35
N ILE A 743 -4.43 5.06 -7.05
CA ILE A 743 -3.65 6.11 -6.41
C ILE A 743 -4.55 7.02 -5.57
N VAL A 744 -5.70 7.37 -6.11
CA VAL A 744 -6.59 8.29 -5.43
C VAL A 744 -7.22 7.60 -4.23
N ALA A 745 -7.52 6.31 -4.38
CA ALA A 745 -8.07 5.57 -3.25
C ALA A 745 -7.00 5.41 -2.17
N ALA A 746 -5.74 5.39 -2.59
CA ALA A 746 -4.65 5.32 -1.64
C ALA A 746 -4.62 6.63 -0.86
N VAL A 747 -4.70 7.75 -1.59
CA VAL A 747 -4.63 9.06 -0.96
C VAL A 747 -5.81 9.28 0.00
N GLU A 748 -6.96 8.72 -0.33
CA GLU A 748 -8.12 8.87 0.53
C GLU A 748 -7.91 8.12 1.82
N GLU A 749 -7.37 6.91 1.70
CA GLU A 749 -7.22 6.07 2.88
C GLU A 749 -6.16 6.71 3.74
N GLY A 750 -5.23 7.41 3.10
CA GLY A 750 -4.19 8.13 3.83
C GLY A 750 -4.86 9.08 4.80
N ARG A 751 -5.78 9.87 4.27
CA ARG A 751 -6.51 10.85 5.07
C ARG A 751 -7.36 10.16 6.14
N ALA A 752 -7.89 9.00 5.81
CA ALA A 752 -8.78 8.29 6.72
C ALA A 752 -8.01 7.76 7.91
N ILE A 753 -6.82 7.24 7.64
CA ILE A 753 -6.02 6.62 8.67
C ILE A 753 -5.59 7.68 9.65
N TYR A 754 -5.23 8.84 9.11
CA TYR A 754 -4.67 9.92 9.92
C TYR A 754 -5.72 10.40 10.93
N ASN A 755 -6.93 10.59 10.46
CA ASN A 755 -8.05 10.89 11.33
C ASN A 755 -8.35 9.76 12.31
N ASN A 756 -7.96 8.54 11.99
CA ASN A 756 -8.24 7.45 12.90
C ASN A 756 -7.20 7.42 13.99
N MET A 757 -5.97 7.81 13.62
CA MET A 757 -4.93 7.99 14.61
C MET A 757 -5.41 9.06 15.56
N LYS A 758 -5.89 10.16 15.01
CA LYS A 758 -6.24 11.32 15.81
C LYS A 758 -7.36 11.04 16.80
N GLN A 759 -8.26 10.14 16.43
CA GLN A 759 -9.40 9.85 17.29
C GLN A 759 -9.08 8.71 18.25
N PHE A 760 -8.02 7.97 17.96
CA PHE A 760 -7.58 6.93 18.87
C PHE A 760 -6.98 7.62 20.09
N ILE A 761 -6.01 8.49 19.84
CA ILE A 761 -5.27 9.14 20.91
C ILE A 761 -6.11 10.13 21.71
N ARG A 762 -7.07 10.78 21.06
CA ARG A 762 -7.96 11.69 21.78
C ARG A 762 -8.69 10.92 22.87
N TYR A 763 -8.96 9.65 22.59
CA TYR A 763 -9.63 8.77 23.53
C TYR A 763 -8.70 8.30 24.65
N LEU A 764 -7.45 8.01 24.30
CA LEU A 764 -6.49 7.53 25.28
C LEU A 764 -6.12 8.61 26.27
N ILE A 765 -5.77 9.77 25.74
CA ILE A 765 -5.38 10.89 26.57
C ILE A 765 -6.50 11.37 27.51
N SER A 766 -7.70 11.59 26.98
CA SER A 766 -8.77 12.12 27.82
C SER A 766 -9.21 11.13 28.89
N SER A 767 -9.15 9.84 28.57
CA SER A 767 -9.50 8.81 29.55
C SER A 767 -8.43 8.75 30.66
N ASN A 768 -7.16 8.89 30.27
CA ASN A 768 -6.08 8.89 31.25
C ASN A 768 -6.08 10.14 32.13
N VAL A 769 -6.32 11.29 31.52
CA VAL A 769 -6.41 12.55 32.26
C VAL A 769 -7.49 12.55 33.36
N GLY A 770 -8.68 12.05 33.05
CA GLY A 770 -9.73 11.92 34.04
C GLY A 770 -9.31 11.07 35.23
N GLU A 771 -8.67 9.93 34.93
CA GLU A 771 -8.16 9.06 35.98
C GLU A 771 -7.25 9.85 36.91
N VAL A 772 -6.27 10.54 36.34
CA VAL A 772 -5.40 11.43 37.11
C VAL A 772 -6.16 12.48 37.93
N VAL A 773 -7.16 13.10 37.31
CA VAL A 773 -7.91 14.14 38.00
C VAL A 773 -8.62 13.64 39.25
N CYS A 774 -9.47 12.62 39.10
CA CYS A 774 -10.30 12.13 40.19
C CYS A 774 -9.45 11.71 41.38
N ILE A 775 -8.38 10.99 41.09
CA ILE A 775 -7.47 10.53 42.13
C ILE A 775 -6.78 11.72 42.78
N PHE A 776 -6.55 12.77 42.01
CA PHE A 776 -5.96 13.97 42.55
C PHE A 776 -6.93 14.77 43.42
N LEU A 777 -8.11 15.04 42.89
CA LEU A 777 -9.12 15.79 43.63
C LEU A 777 -9.44 15.11 44.94
N THR A 778 -9.57 13.78 44.88
CA THR A 778 -9.98 13.01 46.05
C THR A 778 -8.97 13.18 47.20
N ALA A 779 -7.72 13.47 46.86
CA ALA A 779 -6.71 13.73 47.87
C ALA A 779 -6.51 15.24 48.11
N ALA A 780 -6.45 16.02 47.05
CA ALA A 780 -6.19 17.45 47.14
C ALA A 780 -7.27 18.22 47.90
N LEU A 781 -8.50 17.73 47.82
CA LEU A 781 -9.61 18.38 48.51
C LEU A 781 -9.81 17.80 49.90
N GLY A 782 -9.19 16.64 50.16
CA GLY A 782 -9.29 15.98 51.45
C GLY A 782 -10.50 15.07 51.54
N LEU A 783 -10.80 14.39 50.43
CA LEU A 783 -11.96 13.51 50.34
C LEU A 783 -11.57 12.06 50.63
N PRO A 784 -12.57 11.21 50.91
CA PRO A 784 -12.32 9.76 50.94
C PRO A 784 -11.98 9.28 49.53
N GLU A 785 -11.19 8.21 49.43
CA GLU A 785 -10.82 7.66 48.14
C GLU A 785 -12.07 7.27 47.37
N ALA A 786 -12.26 7.87 46.20
CA ALA A 786 -13.39 7.55 45.36
C ALA A 786 -13.17 6.19 44.67
N LEU A 787 -11.90 5.81 44.52
CA LEU A 787 -11.54 4.57 43.85
C LEU A 787 -10.35 3.83 44.49
N ILE A 788 -10.59 2.60 44.91
CA ILE A 788 -9.54 1.69 45.37
C ILE A 788 -8.69 1.31 44.17
N PRO A 789 -7.36 1.18 44.35
CA PRO A 789 -6.43 0.80 43.28
C PRO A 789 -6.95 -0.35 42.42
N VAL A 790 -7.54 -1.33 43.09
CA VAL A 790 -8.13 -2.50 42.43
C VAL A 790 -9.24 -2.10 41.47
N GLN A 791 -10.09 -1.18 41.90
CA GLN A 791 -11.19 -0.72 41.08
C GLN A 791 -10.70 -0.04 39.80
N LEU A 792 -9.55 0.63 39.91
CA LEU A 792 -9.02 1.41 38.80
C LEU A 792 -8.59 0.50 37.67
N LEU A 793 -7.66 -0.40 37.97
CA LEU A 793 -7.16 -1.36 36.98
C LEU A 793 -8.27 -2.15 36.29
N TRP A 794 -9.40 -2.33 36.98
CA TRP A 794 -10.54 -3.02 36.38
C TRP A 794 -11.10 -2.21 35.24
N VAL A 795 -11.55 -1.00 35.55
CA VAL A 795 -12.05 -0.06 34.56
C VAL A 795 -11.07 0.06 33.42
N ASN A 796 -9.80 0.29 33.77
CA ASN A 796 -8.75 0.40 32.77
C ASN A 796 -8.62 -0.87 31.92
N LEU A 797 -8.88 -2.05 32.50
CA LEU A 797 -8.87 -3.30 31.73
C LEU A 797 -10.00 -3.35 30.73
N VAL A 798 -11.23 -3.11 31.21
CA VAL A 798 -12.41 -3.14 30.36
C VAL A 798 -12.30 -2.19 29.16
N THR A 799 -11.96 -0.93 29.43
CA THR A 799 -11.91 0.06 28.35
C THR A 799 -10.85 -0.25 27.28
N ASP A 800 -9.65 -0.65 27.68
CA ASP A 800 -8.59 -0.99 26.72
C ASP A 800 -8.93 -2.27 25.93
N GLY A 801 -9.79 -3.10 26.51
CA GLY A 801 -10.14 -4.37 25.90
C GLY A 801 -11.32 -4.32 24.94
N LEU A 802 -12.32 -3.52 25.25
CA LEU A 802 -13.53 -3.45 24.42
C LEU A 802 -13.69 -2.12 23.65
N PRO A 803 -14.08 -1.02 24.34
CA PRO A 803 -14.33 0.19 23.54
C PRO A 803 -13.10 0.71 22.80
N ALA A 804 -11.93 0.63 23.45
CA ALA A 804 -10.70 1.09 22.81
C ALA A 804 -10.39 0.30 21.54
N THR A 805 -10.53 -1.03 21.61
CA THR A 805 -10.27 -1.86 20.44
C THR A 805 -11.30 -1.53 19.37
N ALA A 806 -12.56 -1.43 19.79
CA ALA A 806 -13.68 -1.18 18.89
C ALA A 806 -13.49 0.08 18.04
N LEU A 807 -12.56 0.94 18.43
CA LEU A 807 -12.31 2.18 17.71
C LEU A 807 -11.60 1.94 16.39
N GLY A 808 -10.89 0.81 16.30
CA GLY A 808 -10.15 0.48 15.10
C GLY A 808 -11.05 0.25 13.91
N PHE A 809 -12.31 -0.01 14.21
CA PHE A 809 -13.30 -0.40 13.22
C PHE A 809 -14.28 0.74 13.02
N ASN A 810 -13.76 1.97 13.05
CA ASN A 810 -14.53 3.15 12.70
C ASN A 810 -14.60 3.28 11.18
N PRO A 811 -15.55 4.10 10.68
CA PRO A 811 -15.55 4.36 9.24
C PRO A 811 -14.69 5.57 8.93
N PRO A 812 -14.31 5.75 7.66
CA PRO A 812 -13.70 7.01 7.22
C PRO A 812 -14.55 8.18 7.65
N ASP A 813 -13.92 9.22 8.17
CA ASP A 813 -14.63 10.42 8.59
C ASP A 813 -15.40 10.99 7.40
N LEU A 814 -16.39 11.83 7.67
CA LEU A 814 -17.20 12.35 6.57
C LEU A 814 -16.53 13.52 5.89
N ASP A 815 -16.93 13.76 4.64
CA ASP A 815 -16.49 14.94 3.89
C ASP A 815 -14.99 15.08 4.00
N ILE A 816 -14.32 13.95 3.83
CA ILE A 816 -12.90 13.81 4.09
C ILE A 816 -12.10 14.26 2.88
N MET A 817 -12.77 14.31 1.73
CA MET A 817 -12.09 14.77 0.52
C MET A 817 -12.80 15.93 -0.14
N ASP A 818 -13.57 16.66 0.67
CA ASP A 818 -14.03 18.00 0.31
C ASP A 818 -13.19 18.99 1.09
N ARG A 819 -12.15 18.47 1.72
CA ARG A 819 -11.13 19.27 2.38
C ARG A 819 -9.90 19.26 1.50
N PRO A 820 -9.00 20.23 1.69
CA PRO A 820 -7.74 20.28 0.95
C PRO A 820 -6.67 19.42 1.63
N PRO A 821 -5.51 19.20 0.98
CA PRO A 821 -4.49 18.37 1.60
C PRO A 821 -4.08 18.93 2.94
N ARG A 822 -3.87 18.04 3.91
CA ARG A 822 -3.29 18.41 5.18
C ARG A 822 -1.98 19.10 4.92
N SER A 823 -1.62 20.01 5.81
CA SER A 823 -0.33 20.63 5.72
C SER A 823 0.70 19.65 6.24
N PRO A 824 1.83 19.51 5.54
CA PRO A 824 2.94 18.84 6.20
C PRO A 824 3.35 19.80 7.30
N LYS A 825 3.91 19.29 8.39
CA LYS A 825 4.37 20.16 9.48
C LYS A 825 3.26 20.79 10.33
N GLU A 826 2.01 20.75 9.87
CA GLU A 826 0.88 21.03 10.76
C GLU A 826 0.99 20.06 11.93
N PRO A 827 1.14 20.58 13.16
CA PRO A 827 1.44 19.75 14.32
C PRO A 827 0.36 18.72 14.55
N LEU A 828 0.74 17.53 14.99
CA LEU A 828 -0.21 16.44 15.19
C LEU A 828 -1.27 16.80 16.22
N ILE A 829 -0.83 17.41 17.30
CA ILE A 829 -1.76 17.93 18.30
C ILE A 829 -1.75 19.46 18.27
N SER A 830 -2.82 20.02 17.74
CA SER A 830 -3.00 21.46 17.71
C SER A 830 -3.07 21.96 19.13
N GLY A 831 -2.65 23.22 19.32
CA GLY A 831 -2.72 23.86 20.62
C GLY A 831 -4.14 23.76 21.12
N TRP A 832 -5.07 24.11 20.24
CA TRP A 832 -6.50 24.00 20.52
C TRP A 832 -6.91 22.59 20.91
N LEU A 833 -6.39 21.60 20.20
CA LEU A 833 -6.78 20.21 20.42
C LEU A 833 -6.46 19.79 21.84
N PHE A 834 -5.26 20.14 22.30
CA PHE A 834 -4.83 19.84 23.67
C PHE A 834 -5.82 20.36 24.70
N PHE A 835 -6.52 21.44 24.36
CA PHE A 835 -7.55 21.97 25.22
C PHE A 835 -8.65 20.92 25.42
N ARG A 836 -9.10 20.31 24.33
CA ARG A 836 -10.17 19.31 24.41
C ARG A 836 -9.75 18.11 25.24
N TYR A 837 -8.48 17.73 25.09
CA TYR A 837 -7.94 16.59 25.81
C TYR A 837 -8.04 16.88 27.29
N MET A 838 -7.75 18.12 27.65
CA MET A 838 -7.84 18.53 29.04
C MET A 838 -9.30 18.78 29.45
N ALA A 839 -10.02 19.57 28.68
CA ALA A 839 -11.39 19.94 29.03
C ALA A 839 -12.30 18.72 29.27
N ILE A 840 -12.28 17.79 28.32
CA ILE A 840 -13.05 16.56 28.43
C ILE A 840 -12.53 15.70 29.58
N GLY A 841 -11.21 15.61 29.67
CA GLY A 841 -10.56 14.80 30.68
C GLY A 841 -10.90 15.26 32.07
N GLY A 842 -10.84 16.57 32.27
CA GLY A 842 -11.15 17.18 33.55
C GLY A 842 -12.55 16.81 33.97
N TYR A 843 -13.49 16.92 33.03
CA TYR A 843 -14.88 16.61 33.29
C TYR A 843 -15.04 15.21 33.87
N VAL A 844 -14.35 14.25 33.25
CA VAL A 844 -14.40 12.87 33.70
C VAL A 844 -14.05 12.78 35.17
N GLY A 845 -12.86 13.26 35.53
CA GLY A 845 -12.40 13.29 36.89
C GLY A 845 -13.32 14.08 37.80
N ALA A 846 -13.70 15.29 37.35
CA ALA A 846 -14.63 16.12 38.10
C ALA A 846 -15.95 15.38 38.37
N ALA A 847 -16.46 14.68 37.36
CA ALA A 847 -17.71 13.96 37.48
C ALA A 847 -17.60 12.75 38.40
N THR A 848 -16.54 11.96 38.21
CA THR A 848 -16.44 10.68 38.93
C THR A 848 -16.36 10.91 40.42
N VAL A 849 -15.64 11.95 40.84
CA VAL A 849 -15.62 12.33 42.26
C VAL A 849 -16.84 13.16 42.62
N GLY A 850 -17.38 13.90 41.66
CA GLY A 850 -18.61 14.64 41.88
C GLY A 850 -19.77 13.69 42.08
N ALA A 851 -19.55 12.42 41.75
CA ALA A 851 -20.54 11.37 41.96
C ALA A 851 -20.42 10.80 43.35
N ALA A 852 -19.19 10.60 43.80
CA ALA A 852 -18.94 10.12 45.15
C ALA A 852 -19.36 11.20 46.15
N ALA A 853 -19.10 12.46 45.77
CA ALA A 853 -19.43 13.59 46.63
C ALA A 853 -20.94 13.76 46.77
N TRP A 854 -21.66 13.29 45.77
CA TRP A 854 -23.11 13.46 45.75
C TRP A 854 -23.83 12.50 46.70
N TRP A 855 -23.40 11.24 46.74
CA TRP A 855 -23.99 10.28 47.65
C TRP A 855 -23.70 10.67 49.08
N PHE A 856 -22.54 11.29 49.29
CA PHE A 856 -22.12 11.74 50.61
C PHE A 856 -22.86 12.99 51.09
N MET A 857 -23.70 13.56 50.24
CA MET A 857 -24.42 14.80 50.60
C MET A 857 -25.92 14.78 50.33
N TYR A 858 -26.31 14.80 49.05
CA TYR A 858 -27.73 14.97 48.70
C TYR A 858 -28.52 13.66 48.60
N ALA A 859 -27.84 12.53 48.77
CA ALA A 859 -28.49 11.23 48.69
C ALA A 859 -29.46 11.00 49.84
N GLU A 860 -30.68 10.60 49.52
CA GLU A 860 -31.71 10.41 50.55
C GLU A 860 -31.42 9.22 51.46
N ASP A 861 -30.85 8.16 50.91
CA ASP A 861 -30.45 7.02 51.73
C ASP A 861 -29.00 7.15 52.18
N GLY A 862 -28.39 8.30 51.91
CA GLY A 862 -27.05 8.59 52.36
C GLY A 862 -27.04 9.50 53.58
N PRO A 863 -25.84 9.76 54.12
CA PRO A 863 -25.67 10.65 55.28
C PRO A 863 -25.71 12.14 54.87
N GLY A 864 -26.63 12.91 55.43
CA GLY A 864 -26.74 14.31 55.10
C GLY A 864 -25.53 15.11 55.56
N VAL A 865 -24.69 15.51 54.62
CA VAL A 865 -23.45 16.24 54.93
C VAL A 865 -23.37 17.51 54.05
N THR A 866 -24.52 18.12 53.80
CA THR A 866 -24.67 19.27 52.89
C THR A 866 -23.76 20.47 53.24
N TYR A 867 -22.75 20.68 52.40
CA TYR A 867 -21.76 21.74 52.58
C TYR A 867 -20.93 21.59 53.86
N HIS A 868 -21.09 20.44 54.50
CA HIS A 868 -20.34 20.08 55.70
C HIS A 868 -19.03 19.46 55.22
N GLN A 869 -17.99 19.57 56.02
CA GLN A 869 -16.70 19.00 55.65
C GLN A 869 -16.76 17.49 55.57
N LEU A 870 -16.88 16.99 54.34
CA LEU A 870 -16.46 15.63 54.04
C LEU A 870 -14.95 15.73 53.97
N THR A 871 -14.48 16.98 53.82
CA THR A 871 -13.09 17.34 53.96
C THR A 871 -12.56 16.91 55.33
N HIS A 872 -13.44 16.91 56.34
CA HIS A 872 -13.04 16.53 57.70
C HIS A 872 -12.34 15.19 57.79
N PHE A 873 -11.27 15.18 58.58
CA PHE A 873 -10.39 14.05 58.73
C PHE A 873 -11.11 12.77 59.14
N MET A 874 -10.72 11.67 58.50
CA MET A 874 -11.49 10.44 58.51
C MET A 874 -11.56 9.73 59.86
N GLN A 875 -10.74 10.15 60.81
CA GLN A 875 -10.80 9.58 62.15
C GLN A 875 -12.18 9.83 62.75
N CYS A 876 -12.49 11.10 62.98
CA CYS A 876 -13.86 11.55 63.26
C CYS A 876 -14.66 10.68 64.24
N THR A 877 -14.27 10.74 65.51
CA THR A 877 -15.03 10.10 66.58
C THR A 877 -15.21 11.14 67.68
N GLU A 878 -14.64 12.31 67.41
CA GLU A 878 -14.55 13.42 68.35
C GLU A 878 -15.91 13.90 68.81
N ASP A 879 -16.88 13.82 67.89
CA ASP A 879 -18.25 14.25 68.12
C ASP A 879 -18.42 15.76 68.23
N HIS A 880 -17.47 16.54 67.71
CA HIS A 880 -17.65 17.99 67.69
C HIS A 880 -18.70 18.48 66.66
N PRO A 881 -18.81 17.80 65.49
CA PRO A 881 -19.92 18.20 64.62
C PRO A 881 -20.99 17.11 64.48
N HIS A 882 -20.80 15.99 65.18
CA HIS A 882 -21.73 14.87 65.10
C HIS A 882 -22.18 14.45 66.49
N PHE A 883 -23.46 14.66 66.79
CA PHE A 883 -24.01 14.22 68.08
C PHE A 883 -25.18 13.27 67.86
N ASP A 887 -22.11 10.49 62.10
CA ASP A 887 -22.09 9.34 63.00
C ASP A 887 -21.86 8.03 62.25
N CYS A 888 -20.65 7.47 62.35
CA CYS A 888 -19.51 8.08 63.03
C CYS A 888 -18.28 7.86 62.18
N GLU A 889 -18.25 6.70 61.52
CA GLU A 889 -17.18 6.33 60.60
C GLU A 889 -17.73 5.44 59.50
N ILE A 890 -18.94 5.76 59.03
CA ILE A 890 -19.57 4.98 57.98
C ILE A 890 -19.12 5.49 56.60
N PHE A 891 -18.08 6.33 56.62
CA PHE A 891 -17.50 6.91 55.41
C PHE A 891 -16.88 5.89 54.46
N GLU A 892 -16.62 4.68 54.95
CA GLU A 892 -16.01 3.63 54.12
C GLU A 892 -17.06 2.86 53.33
N ALA A 893 -18.18 3.51 53.06
CA ALA A 893 -19.30 2.88 52.35
C ALA A 893 -18.92 2.53 50.92
N PRO A 894 -19.49 1.43 50.39
CA PRO A 894 -19.32 1.04 48.99
C PRO A 894 -20.16 1.88 48.04
N GLU A 895 -21.19 2.54 48.58
CA GLU A 895 -22.08 3.37 47.78
C GLU A 895 -21.42 4.55 47.02
N PRO A 896 -20.59 5.37 47.71
CA PRO A 896 -19.98 6.48 46.97
C PRO A 896 -19.07 6.02 45.83
N MET A 897 -18.32 4.96 46.06
CA MET A 897 -17.41 4.44 45.06
C MET A 897 -18.16 3.85 43.87
N THR A 898 -19.32 3.25 44.14
CA THR A 898 -20.13 2.65 43.08
C THR A 898 -20.94 3.67 42.30
N MET A 899 -20.61 4.95 42.48
CA MET A 899 -21.13 5.98 41.60
C MET A 899 -19.90 6.48 40.86
N ALA A 900 -18.82 6.61 41.61
CA ALA A 900 -17.52 6.97 41.06
C ALA A 900 -17.11 5.94 40.02
N LEU A 901 -17.18 4.65 40.39
CA LEU A 901 -16.84 3.58 39.45
C LEU A 901 -17.87 3.53 38.33
N SER A 902 -19.10 3.87 38.67
CA SER A 902 -20.21 3.84 37.73
C SER A 902 -20.09 4.96 36.70
N VAL A 903 -19.98 6.20 37.18
CA VAL A 903 -19.87 7.35 36.29
C VAL A 903 -18.64 7.23 35.40
N LEU A 904 -17.57 6.71 35.96
CA LEU A 904 -16.34 6.52 35.19
C LEU A 904 -16.54 5.54 34.04
N VAL A 905 -17.06 4.35 34.36
CA VAL A 905 -17.33 3.32 33.37
C VAL A 905 -18.32 3.82 32.33
N THR A 906 -19.34 4.54 32.79
CA THR A 906 -20.36 5.06 31.90
C THR A 906 -19.81 6.19 30.99
N ILE A 907 -19.05 7.11 31.58
CA ILE A 907 -18.51 8.23 30.80
C ILE A 907 -17.55 7.71 29.75
N GLU A 908 -16.76 6.71 30.12
CA GLU A 908 -15.81 6.08 29.21
C GLU A 908 -16.49 5.57 27.95
N MET A 909 -17.73 5.11 28.10
CA MET A 909 -18.52 4.66 26.97
C MET A 909 -19.02 5.85 26.16
N CYS A 910 -19.57 6.85 26.86
CA CYS A 910 -20.03 8.06 26.21
C CYS A 910 -18.92 8.77 25.44
N ASN A 911 -17.81 9.00 26.12
CA ASN A 911 -16.63 9.60 25.50
C ASN A 911 -16.03 8.71 24.42
N ALA A 912 -16.54 7.48 24.28
CA ALA A 912 -16.13 6.62 23.18
C ALA A 912 -17.00 6.89 21.96
N LEU A 913 -18.28 7.18 22.21
CA LEU A 913 -19.19 7.61 21.16
C LEU A 913 -18.69 8.91 20.57
N ASN A 914 -18.06 9.71 21.43
CA ASN A 914 -17.49 10.98 21.02
C ASN A 914 -16.30 10.79 20.12
N SER A 915 -15.73 9.60 20.15
CA SER A 915 -14.53 9.31 19.35
C SER A 915 -14.87 8.63 18.05
N LEU A 916 -16.09 8.84 17.56
CA LEU A 916 -16.52 8.30 16.28
C LEU A 916 -15.98 9.14 15.14
N SER A 917 -15.92 10.44 15.38
CA SER A 917 -15.33 11.36 14.42
C SER A 917 -14.43 12.27 15.22
N GLU A 918 -13.55 13.01 14.54
CA GLU A 918 -12.76 14.02 15.20
C GLU A 918 -13.64 15.23 15.49
N ASN A 919 -14.19 15.82 14.44
CA ASN A 919 -15.01 17.03 14.59
C ASN A 919 -16.51 16.80 14.37
N GLN A 920 -16.87 15.80 13.58
CA GLN A 920 -18.27 15.59 13.21
C GLN A 920 -19.17 15.13 14.35
N SER A 921 -20.34 15.77 14.41
CA SER A 921 -21.32 15.57 15.48
C SER A 921 -21.88 14.14 15.53
N LEU A 922 -22.72 13.88 16.53
CA LEU A 922 -23.42 12.61 16.60
C LEU A 922 -24.70 12.65 15.75
N MET A 923 -25.28 13.83 15.59
CA MET A 923 -26.47 13.94 14.75
C MET A 923 -26.12 13.86 13.28
N ARG A 924 -24.82 13.77 12.97
CA ARG A 924 -24.37 13.57 11.60
C ARG A 924 -23.62 12.25 11.42
N MET A 925 -22.87 11.84 12.43
CA MET A 925 -22.31 10.50 12.46
C MET A 925 -22.81 9.82 13.71
N PRO A 926 -24.00 9.21 13.63
CA PRO A 926 -24.73 8.60 14.74
C PRO A 926 -23.94 7.53 15.50
N PRO A 927 -24.39 7.20 16.72
CA PRO A 927 -23.76 6.11 17.48
C PRO A 927 -23.66 4.81 16.68
N TRP A 928 -24.59 4.58 15.77
CA TRP A 928 -24.65 3.31 15.04
C TRP A 928 -23.82 3.25 13.76
N VAL A 929 -22.91 4.19 13.57
CA VAL A 929 -22.00 4.13 12.42
C VAL A 929 -20.95 3.04 12.64
N ASN A 930 -20.68 2.77 13.91
CA ASN A 930 -19.84 1.65 14.32
C ASN A 930 -20.64 0.74 15.24
N ILE A 931 -21.06 -0.42 14.73
CA ILE A 931 -21.83 -1.35 15.55
C ILE A 931 -20.97 -2.12 16.54
N TRP A 932 -19.77 -2.51 16.09
CA TRP A 932 -18.85 -3.26 16.95
C TRP A 932 -18.64 -2.47 18.23
N LEU A 933 -18.56 -1.15 18.08
CA LEU A 933 -18.47 -0.25 19.23
C LEU A 933 -19.71 -0.39 20.11
N LEU A 934 -20.88 -0.36 19.48
CA LEU A 934 -22.12 -0.54 20.22
C LEU A 934 -22.11 -1.91 20.89
N GLY A 935 -21.61 -2.92 20.17
CA GLY A 935 -21.50 -4.26 20.72
C GLY A 935 -20.60 -4.32 21.94
N SER A 936 -19.44 -3.71 21.82
CA SER A 936 -18.44 -3.69 22.89
C SER A 936 -18.93 -2.97 24.13
N ILE A 937 -19.66 -1.88 23.94
CA ILE A 937 -20.23 -1.13 25.06
C ILE A 937 -21.14 -2.02 25.90
N CYS A 938 -21.98 -2.79 25.22
CA CYS A 938 -22.90 -3.70 25.89
C CYS A 938 -22.13 -4.80 26.61
N LEU A 939 -21.17 -5.37 25.90
CA LEU A 939 -20.29 -6.40 26.47
C LEU A 939 -19.58 -5.89 27.74
N SER A 940 -19.16 -4.63 27.71
CA SER A 940 -18.57 -3.99 28.88
C SER A 940 -19.63 -3.87 29.95
N MET A 941 -20.74 -3.24 29.57
CA MET A 941 -21.84 -2.99 30.49
C MET A 941 -22.38 -4.25 31.15
N SER A 942 -22.23 -5.38 30.47
CA SER A 942 -22.69 -6.65 31.04
C SER A 942 -21.68 -7.23 32.05
N LEU A 943 -20.45 -6.71 32.05
CA LEU A 943 -19.45 -7.12 33.02
C LEU A 943 -19.55 -6.26 34.27
N HIS A 944 -19.78 -4.97 34.07
CA HIS A 944 -19.95 -4.07 35.19
C HIS A 944 -21.17 -4.53 35.99
N PHE A 945 -22.23 -4.87 35.27
CA PHE A 945 -23.43 -5.41 35.90
C PHE A 945 -23.17 -6.80 36.49
N LEU A 946 -22.07 -7.41 36.09
CA LEU A 946 -21.73 -8.75 36.56
C LEU A 946 -20.99 -8.69 37.89
N ILE A 947 -19.93 -7.89 37.95
CA ILE A 947 -19.14 -7.77 39.18
C ILE A 947 -19.91 -7.04 40.27
N LEU A 948 -21.03 -6.43 39.88
CA LEU A 948 -21.88 -5.71 40.81
C LEU A 948 -22.79 -6.61 41.62
N TYR A 949 -23.43 -7.56 40.96
CA TYR A 949 -24.54 -8.28 41.57
C TYR A 949 -24.22 -9.71 42.03
N VAL A 950 -23.12 -10.28 41.56
CA VAL A 950 -22.84 -11.70 41.80
C VAL A 950 -22.82 -12.12 43.28
N ASP A 951 -22.22 -11.27 44.13
CA ASP A 951 -22.12 -11.42 45.61
C ASP A 951 -20.77 -11.91 46.19
N PRO A 952 -20.13 -12.92 45.58
CA PRO A 952 -18.75 -13.16 46.04
C PRO A 952 -17.82 -12.00 45.71
N LEU A 953 -17.91 -11.53 44.47
CA LEU A 953 -16.99 -10.53 43.93
C LEU A 953 -17.12 -9.09 44.47
N PRO A 954 -18.35 -8.58 44.66
CA PRO A 954 -18.48 -7.20 45.16
C PRO A 954 -17.76 -6.95 46.48
N MET A 955 -17.45 -8.00 47.23
CA MET A 955 -16.69 -7.85 48.47
C MET A 955 -15.22 -7.60 48.17
N ILE A 956 -14.75 -8.13 47.05
CA ILE A 956 -13.37 -7.94 46.64
C ILE A 956 -13.19 -6.58 45.95
N PHE A 957 -14.19 -6.22 45.16
CA PHE A 957 -14.16 -4.95 44.44
C PHE A 957 -14.69 -3.81 45.28
N LYS A 958 -15.15 -4.14 46.49
CA LYS A 958 -15.78 -3.18 47.39
C LYS A 958 -16.86 -2.37 46.69
N LEU A 959 -17.96 -3.02 46.35
CA LEU A 959 -19.05 -2.39 45.63
C LEU A 959 -20.41 -2.79 46.20
N LYS A 960 -21.39 -1.89 46.11
CA LYS A 960 -22.78 -2.21 46.42
C LYS A 960 -23.70 -2.00 45.22
N ALA A 961 -24.79 -2.77 45.16
CA ALA A 961 -25.82 -2.62 44.13
C ALA A 961 -26.33 -1.18 44.00
N LEU A 962 -26.89 -0.87 42.84
CA LEU A 962 -27.49 0.45 42.62
C LEU A 962 -28.89 0.30 42.07
N ASP A 963 -29.87 0.84 42.79
CA ASP A 963 -31.25 0.83 42.32
C ASP A 963 -31.44 1.77 41.14
N LEU A 964 -32.66 1.80 40.61
CA LEU A 964 -32.99 2.65 39.46
C LEU A 964 -33.10 4.11 39.87
N THR A 965 -32.90 4.37 41.16
CA THR A 965 -32.83 5.72 41.69
C THR A 965 -31.41 6.25 41.51
N GLN A 966 -30.45 5.34 41.51
CA GLN A 966 -29.04 5.71 41.51
C GLN A 966 -28.44 5.73 40.11
N TRP A 967 -28.73 4.71 39.31
CA TRP A 967 -28.22 4.64 37.95
C TRP A 967 -28.73 5.81 37.11
N LEU A 968 -29.86 6.39 37.54
CA LEU A 968 -30.46 7.54 36.88
C LEU A 968 -29.49 8.71 36.88
N MET A 969 -29.02 9.06 38.07
CA MET A 969 -28.11 10.19 38.25
C MET A 969 -26.85 10.04 37.40
N VAL A 970 -26.39 8.80 37.26
CA VAL A 970 -25.21 8.49 36.45
C VAL A 970 -25.42 8.92 34.99
N LEU A 971 -26.68 8.97 34.54
CA LEU A 971 -26.96 9.54 33.24
C LEU A 971 -26.74 11.05 33.28
N LYS A 972 -27.43 11.72 34.21
CA LYS A 972 -27.31 13.17 34.38
C LYS A 972 -25.86 13.63 34.60
N ILE A 973 -25.06 12.79 35.24
CA ILE A 973 -23.66 13.12 35.47
C ILE A 973 -22.79 12.85 34.26
N SER A 974 -22.98 11.68 33.67
CA SER A 974 -22.13 11.21 32.57
C SER A 974 -22.44 11.89 31.24
N LEU A 975 -23.69 11.70 30.79
CA LEU A 975 -24.12 12.11 29.46
C LEU A 975 -23.61 13.48 28.98
N PRO A 976 -23.68 14.51 29.83
CA PRO A 976 -23.19 15.80 29.33
C PRO A 976 -21.72 15.81 28.86
N VAL A 977 -20.98 14.72 29.05
CA VAL A 977 -19.65 14.63 28.47
C VAL A 977 -19.78 14.55 26.95
N ILE A 978 -20.93 14.05 26.51
CA ILE A 978 -21.27 14.04 25.09
C ILE A 978 -21.76 15.43 24.72
N GLY A 979 -22.47 16.06 25.65
CA GLY A 979 -22.87 17.44 25.48
C GLY A 979 -21.63 18.29 25.32
N LEU A 980 -20.74 18.20 26.31
CA LEU A 980 -19.54 19.01 26.33
C LEU A 980 -18.70 18.84 25.07
N ASP A 981 -18.44 17.61 24.67
CA ASP A 981 -17.58 17.36 23.52
C ASP A 981 -18.27 17.84 22.25
N GLU A 982 -19.60 17.77 22.24
CA GLU A 982 -20.40 18.18 21.10
C GLU A 982 -20.23 19.67 20.90
N ILE A 983 -20.27 20.39 22.02
CA ILE A 983 -20.00 21.83 22.07
C ILE A 983 -18.60 22.13 21.56
N LEU A 984 -17.60 21.44 22.12
CA LEU A 984 -16.23 21.56 21.66
C LEU A 984 -16.12 21.31 20.16
N LYS A 985 -16.68 20.18 19.71
CA LYS A 985 -16.68 19.85 18.29
C LYS A 985 -17.39 20.93 17.48
N PHE A 986 -18.44 21.51 18.05
CA PHE A 986 -19.19 22.55 17.35
C PHE A 986 -18.33 23.77 17.06
N ILE A 987 -17.64 24.24 18.10
CA ILE A 987 -16.71 25.36 17.97
C ILE A 987 -15.67 25.02 16.92
N ALA A 988 -15.24 23.76 16.89
CA ALA A 988 -14.30 23.30 15.86
C ALA A 988 -14.86 23.49 14.45
N ARG A 989 -15.89 22.72 14.12
CA ARG A 989 -16.44 22.62 12.75
C ARG A 989 -16.60 23.97 12.04
N ASN A 990 -17.02 24.98 12.80
CA ASN A 990 -17.27 26.30 12.22
C ASN A 990 -16.17 27.33 12.47
N TYR A 991 -15.83 27.57 13.72
CA TYR A 991 -14.80 28.54 14.07
C TYR A 991 -13.37 28.07 13.72
N LEU A 992 -13.04 26.84 14.07
CA LEU A 992 -11.68 26.32 13.93
C LEU A 992 -11.31 26.03 12.47
N GLU A 993 -12.32 25.94 11.61
CA GLU A 993 -12.16 25.49 10.21
C GLU A 993 -11.76 24.02 10.11
N GLY A 994 -11.89 23.31 11.22
CA GLY A 994 -11.63 21.88 11.24
C GLY A 994 -12.79 21.10 10.65
N MET B 1 -12.05 -7.84 6.61
CA MET B 1 -12.09 -9.19 7.13
C MET B 1 -12.94 -9.25 8.40
N GLU B 2 -13.64 -10.37 8.61
CA GLU B 2 -14.41 -10.58 9.85
C GLU B 2 -13.46 -11.04 10.96
N ARG B 3 -12.16 -10.89 10.72
CA ARG B 3 -11.15 -11.18 11.72
C ARG B 3 -11.21 -10.12 12.80
N SER B 4 -11.86 -9.00 12.47
CA SER B 4 -11.96 -7.85 13.36
C SER B 4 -12.96 -8.11 14.48
N THR B 5 -14.05 -8.77 14.14
CA THR B 5 -15.10 -9.08 15.10
C THR B 5 -14.66 -10.22 16.02
N ARG B 6 -13.82 -11.10 15.50
CA ARG B 6 -13.25 -12.17 16.31
C ARG B 6 -12.30 -11.55 17.34
N GLU B 7 -11.56 -10.53 16.91
CA GLU B 7 -10.60 -9.87 17.79
C GLU B 7 -11.25 -9.29 19.04
N LEU B 8 -12.37 -8.60 18.83
CA LEU B 8 -13.13 -8.02 19.94
C LEU B 8 -13.77 -9.09 20.82
N CYS B 9 -14.35 -10.12 20.21
CA CYS B 9 -14.96 -11.21 20.97
C CYS B 9 -13.94 -11.94 21.86
N LEU B 10 -12.73 -12.15 21.34
CA LEU B 10 -11.68 -12.82 22.11
C LEU B 10 -11.16 -11.95 23.24
N ASN B 11 -11.26 -10.63 23.08
CA ASN B 11 -10.90 -9.72 24.16
C ASN B 11 -11.92 -9.83 25.30
N PHE B 12 -13.21 -9.83 24.95
CA PHE B 12 -14.28 -9.97 25.92
C PHE B 12 -14.21 -11.31 26.68
N THR B 13 -13.69 -12.34 26.03
CA THR B 13 -13.58 -13.66 26.65
C THR B 13 -12.60 -13.66 27.82
N VAL B 14 -11.43 -13.08 27.59
CA VAL B 14 -10.35 -13.02 28.59
C VAL B 14 -10.77 -12.32 29.89
N VAL B 15 -11.41 -11.16 29.79
CA VAL B 15 -11.84 -10.41 30.96
C VAL B 15 -13.10 -11.04 31.57
N LEU B 16 -13.69 -12.00 30.87
CA LEU B 16 -14.75 -12.82 31.44
C LEU B 16 -14.13 -13.99 32.20
N ILE B 17 -13.18 -14.67 31.57
CA ILE B 17 -12.47 -15.77 32.21
C ILE B 17 -11.69 -15.27 33.43
N THR B 18 -11.29 -13.99 33.39
CA THR B 18 -10.62 -13.35 34.53
C THR B 18 -11.59 -13.17 35.70
N VAL B 19 -12.75 -12.60 35.41
CA VAL B 19 -13.79 -12.43 36.42
C VAL B 19 -14.24 -13.77 36.99
N ILE B 20 -14.29 -14.80 36.12
CA ILE B 20 -14.61 -16.16 36.53
C ILE B 20 -13.65 -16.69 37.62
N LEU B 21 -12.35 -16.57 37.39
CA LEU B 21 -11.35 -17.10 38.32
C LEU B 21 -11.47 -16.52 39.73
N ILE B 22 -11.90 -15.28 39.81
CA ILE B 22 -12.06 -14.60 41.09
C ILE B 22 -13.29 -15.14 41.84
N TRP B 23 -14.31 -15.55 41.10
CA TRP B 23 -15.45 -16.26 41.67
C TRP B 23 -14.97 -17.64 42.14
N LEU B 24 -13.97 -18.17 41.46
CA LEU B 24 -13.37 -19.46 41.81
C LEU B 24 -12.36 -19.33 42.95
N LEU B 25 -11.76 -18.15 43.09
CA LEU B 25 -10.80 -17.92 44.16
C LEU B 25 -11.51 -17.57 45.48
N VAL B 26 -12.68 -16.95 45.39
CA VAL B 26 -13.44 -16.58 46.58
C VAL B 26 -13.92 -17.80 47.35
N ARG B 27 -14.63 -18.69 46.65
CA ARG B 27 -15.13 -19.92 47.26
C ARG B 27 -13.97 -20.79 47.76
N SER B 28 -12.91 -20.89 46.95
CA SER B 28 -11.76 -21.71 47.26
C SER B 28 -11.07 -21.31 48.57
N TYR B 29 -10.79 -20.03 48.74
CA TYR B 29 -10.16 -19.57 49.97
C TYR B 29 -11.15 -19.66 51.13
N GLN B 30 -12.44 -19.50 50.84
CA GLN B 30 -13.45 -19.55 51.88
C GLN B 30 -13.57 -20.92 52.56
N TYR B 31 -13.33 -22.00 51.80
CA TYR B 31 -13.49 -23.34 52.36
C TYR B 31 -12.43 -24.36 51.88
#